data_6DT7
#
_entry.id   6DT7
#
_cell.length_a   173.321
_cell.length_b   173.321
_cell.length_c   76.316
_cell.angle_alpha   90.00
_cell.angle_beta   90.00
_cell.angle_gamma   90.00
#
_symmetry.space_group_name_H-M   'I 4'
#
loop_
_entity.id
_entity.type
_entity.pdbx_description
1 polymer RNAP1
2 polymer RNAP2
3 polymer "DNA (5'-D(P*CP*CP*AP*CP*CP*TP*GP*CP*A)-3')"
4 water water
#
loop_
_entity_poly.entity_id
_entity_poly.type
_entity_poly.pdbx_seq_one_letter_code
_entity_poly.pdbx_strand_id
1 'polypeptide(L)'
;MSTIEHQMHLEKLYNKNQLLPRMRQEFEENSGIDFKAFFAHIGIDYKFGIDAMVQMALHKRADLPTLVGTLRHHCKSAQE
VADNLFKMASEDCFNFDPTIDKFIVIYTISDDVQHELDSFQYPLPMVVRPKLLTKNYGTGYFTCNKSVILKKNHTDDDIC
LDHLNRMNKIPLSINWDVAHMVKNEWANLDKPKEGETRQEFEKRVRAFQKYDRTAHEVMGLLTQEGNKFYLTHRPDKRGR
TYSQGYHVNYQGTSWNKAVLEFAEKEVID
;
A
2 'polypeptide(L)'
;MQTFTAREYLKIDIANNYGLDKEDWDDRIAWFDKNENNLLNLVREAEEPALFYAGVKAWMDVKEGKPIGYPVALDATSSG
LQILACLTGDRRAAELCNVVNYRDESGKVKRRDAYTVIYNKMLNTLGKGARIKRNDCKQAIMTALYGSEAKPKEVFGEGI
MLNVFESTMNVEAPAVWELNKFWLQCGNPEAFVYHWVMPDGFNVYIKVMVNEVETVHFLDKPYDCVRKVQGTEEKTRMLS
ANTTHSIDGLVVRELVRRCDYDKNQIEYIKALCNGEAEYKASEKNYGKAMELWGYYEKTGFLTARIFDYLDSETIKLVNT
QDILDLIESMPKKPFHVLTVHDCFRCLPNYGNDIRRQYNNLLATIAKGDLLSFIMSQVIGQEVTIGKLDPTLWEDVLETE
YALS
;
B
3 'polydeoxyribonucleotide'
;(DC)(DC)(DC)(DA)(DC)(DC)(DT)(DG)(DC)(DA)(DA)(DA)(DA)(DC)(DG)(DG)(DT)(DC)(DT)(DG)
(DC)(DG)(DA)(DA)(DT)(DC)(DT)(DC)(DT)(DC)(DT)(DG)(DA)(DT)(DT)(DC)(DG)(DC)(DA)(DG)
(DA)(DC)(DC)(DG)(DT)(DT)(DT)(DT)
;
C
#
# COMPACT_ATOMS: atom_id res chain seq x y z
N SER A 2 17.00 15.51 24.77
CA SER A 2 16.02 16.56 24.54
C SER A 2 15.02 16.15 23.45
N THR A 3 15.52 15.66 22.30
CA THR A 3 14.58 15.06 21.35
C THR A 3 14.17 13.68 21.83
N ILE A 4 15.12 12.94 22.41
CA ILE A 4 14.79 11.69 23.11
C ILE A 4 13.68 11.92 24.12
N GLU A 5 13.77 13.01 24.90
CA GLU A 5 12.71 13.30 25.84
C GLU A 5 11.41 13.59 25.09
N HIS A 6 11.50 14.40 24.03
CA HIS A 6 10.32 14.75 23.26
C HIS A 6 9.66 13.50 22.68
N GLN A 7 10.48 12.55 22.22
CA GLN A 7 9.91 11.31 21.70
C GLN A 7 9.17 10.58 22.80
N MET A 8 9.73 10.56 24.00
CA MET A 8 9.03 9.89 25.08
C MET A 8 7.72 10.60 25.38
N HIS A 9 7.70 11.92 25.24
CA HIS A 9 6.48 12.68 25.42
C HIS A 9 5.45 12.31 24.35
N LEU A 10 5.87 12.25 23.08
CA LEU A 10 4.94 11.86 22.01
C LEU A 10 4.37 10.47 22.24
N GLU A 11 5.20 9.48 22.61
CA GLU A 11 4.63 8.14 22.86
C GLU A 11 3.72 8.12 24.07
N LYS A 12 4.03 8.90 25.10
CA LYS A 12 3.15 9.03 26.25
C LYS A 12 1.77 9.56 25.82
N LEU A 13 1.75 10.53 24.89
CA LEU A 13 0.48 11.08 24.43
C LEU A 13 -0.29 10.02 23.65
N TYR A 14 0.41 9.25 22.81
CA TYR A 14 -0.21 8.20 22.04
C TYR A 14 -0.80 7.12 22.96
N ASN A 15 -0.04 6.70 23.97
CA ASN A 15 -0.50 5.66 24.89
C ASN A 15 -1.68 6.10 25.75
N LYS A 16 -1.78 7.40 26.04
CA LYS A 16 -2.89 7.95 26.82
C LYS A 16 -4.14 8.14 25.97
N ASN A 17 -4.01 8.07 24.65
CA ASN A 17 -5.13 8.33 23.75
C ASN A 17 -5.48 7.14 22.87
N GLN A 18 -5.22 5.93 23.32
CA GLN A 18 -5.77 4.76 22.64
C GLN A 18 -7.29 4.91 22.59
N LEU A 19 -7.86 4.94 21.38
CA LEU A 19 -9.27 5.24 21.16
C LEU A 19 -10.20 4.62 22.21
N LEU A 20 -10.34 3.29 22.24
CA LEU A 20 -11.36 2.71 23.12
C LEU A 20 -11.05 2.88 24.61
N PRO A 21 -9.83 2.62 25.11
CA PRO A 21 -9.59 2.84 26.54
C PRO A 21 -9.80 4.28 26.97
N ARG A 22 -9.46 5.25 26.11
CA ARG A 22 -9.65 6.64 26.48
C ARG A 22 -11.13 7.01 26.53
N MET A 23 -11.93 6.47 25.61
CA MET A 23 -13.36 6.74 25.65
C MET A 23 -14.01 6.17 26.91
N ARG A 24 -13.66 4.93 27.26
CA ARG A 24 -14.21 4.32 28.46
C ARG A 24 -14.04 5.22 29.68
N GLN A 25 -12.88 5.87 29.78
CA GLN A 25 -12.66 6.79 30.90
C GLN A 25 -13.74 7.86 30.96
N GLU A 26 -14.20 8.35 29.82
CA GLU A 26 -15.25 9.36 29.86
C GLU A 26 -16.54 8.81 30.45
N PHE A 27 -16.75 7.49 30.37
CA PHE A 27 -17.97 6.94 30.94
C PHE A 27 -17.76 6.31 32.31
N GLU A 28 -16.51 6.14 32.75
CA GLU A 28 -16.20 5.56 34.05
C GLU A 28 -15.76 6.64 35.04
N GLU A 29 -14.48 6.94 35.10
CA GLU A 29 -13.94 7.83 36.11
C GLU A 29 -14.16 9.31 35.83
N ASN A 30 -14.78 9.68 34.71
CA ASN A 30 -15.00 11.08 34.42
C ASN A 30 -16.47 11.46 34.25
N SER A 31 -17.38 10.49 34.27
CA SER A 31 -18.80 10.79 34.12
C SER A 31 -19.37 11.18 35.46
N GLY A 32 -20.22 12.21 35.44
CA GLY A 32 -21.04 12.47 36.62
C GLY A 32 -21.99 11.32 36.87
N ILE A 33 -22.48 10.72 35.79
CA ILE A 33 -23.34 9.55 35.86
C ILE A 33 -22.57 8.41 36.50
N ASP A 34 -23.23 7.64 37.34
CA ASP A 34 -22.64 6.44 37.92
C ASP A 34 -23.14 5.24 37.13
N PHE A 35 -22.47 4.96 36.00
CA PHE A 35 -22.93 3.87 35.15
C PHE A 35 -22.79 2.53 35.86
N LYS A 36 -21.79 2.39 36.74
CA LYS A 36 -21.66 1.15 37.50
C LYS A 36 -22.95 0.89 38.27
N ALA A 37 -23.32 1.83 39.14
CA ALA A 37 -24.58 1.72 39.86
C ALA A 37 -25.78 1.54 38.93
N PHE A 38 -25.83 2.31 37.83
CA PHE A 38 -27.02 2.25 36.98
C PHE A 38 -27.14 0.94 36.24
N PHE A 39 -26.02 0.42 35.74
CA PHE A 39 -26.05 -0.83 34.99
C PHE A 39 -26.38 -2.01 35.89
N ALA A 40 -25.90 -1.97 37.14
CA ALA A 40 -26.37 -2.91 38.14
C ALA A 40 -27.89 -2.84 38.27
N HIS A 41 -28.43 -1.63 38.47
CA HIS A 41 -29.87 -1.43 38.63
C HIS A 41 -30.67 -2.12 37.52
N ILE A 42 -30.29 -1.92 36.27
CA ILE A 42 -31.10 -2.45 35.17
C ILE A 42 -30.61 -3.83 34.74
N GLY A 43 -29.67 -4.39 35.50
CA GLY A 43 -29.17 -5.73 35.24
C GLY A 43 -28.47 -5.93 33.91
N ILE A 44 -27.51 -5.05 33.61
CA ILE A 44 -26.71 -5.15 32.39
C ILE A 44 -25.26 -5.20 32.83
N ASP A 45 -24.51 -6.16 32.30
CA ASP A 45 -23.14 -6.37 32.75
C ASP A 45 -22.32 -5.09 32.58
N TYR A 46 -21.53 -4.77 33.59
CA TYR A 46 -20.86 -3.47 33.65
C TYR A 46 -20.00 -3.22 32.42
N LYS A 47 -19.11 -4.17 32.11
CA LYS A 47 -18.21 -3.98 30.98
C LYS A 47 -18.98 -3.93 29.67
N PHE A 48 -20.05 -4.71 29.53
CA PHE A 48 -20.87 -4.63 28.33
C PHE A 48 -21.46 -3.22 28.16
N GLY A 49 -22.08 -2.69 29.21
CA GLY A 49 -22.74 -1.40 29.14
C GLY A 49 -21.79 -0.25 28.82
N ILE A 50 -20.65 -0.21 29.51
CA ILE A 50 -19.66 0.81 29.20
C ILE A 50 -19.26 0.72 27.74
N ASP A 51 -19.04 -0.50 27.26
CA ASP A 51 -18.64 -0.73 25.87
C ASP A 51 -19.72 -0.27 24.88
N ALA A 52 -20.98 -0.58 25.16
CA ALA A 52 -22.07 -0.15 24.28
C ALA A 52 -22.14 1.38 24.23
N MET A 53 -22.01 2.04 25.37
CA MET A 53 -22.01 3.49 25.41
C MET A 53 -20.86 4.05 24.56
N VAL A 54 -19.66 3.49 24.73
CA VAL A 54 -18.51 3.91 23.95
C VAL A 54 -18.77 3.75 22.46
N GLN A 55 -19.22 2.56 22.04
CA GLN A 55 -19.51 2.35 20.61
C GLN A 55 -20.54 3.33 20.08
N MET A 56 -21.51 3.73 20.90
CA MET A 56 -22.48 4.68 20.37
C MET A 56 -21.89 6.09 20.30
N ALA A 57 -21.03 6.47 21.25
CA ALA A 57 -20.36 7.76 21.17
C ALA A 57 -19.40 7.85 19.97
N LEU A 58 -18.88 6.71 19.52
CA LEU A 58 -18.05 6.64 18.32
C LEU A 58 -18.89 6.76 17.07
N HIS A 59 -19.78 5.77 16.87
CA HIS A 59 -20.56 5.63 15.64
C HIS A 59 -21.59 6.74 15.46
N LYS A 60 -22.07 7.37 16.54
CA LYS A 60 -23.25 8.26 16.50
C LYS A 60 -24.54 7.57 16.03
N ARG A 61 -24.55 6.98 14.84
CA ARG A 61 -25.68 6.19 14.37
C ARG A 61 -25.18 4.82 13.91
N ALA A 62 -25.97 3.78 14.17
CA ALA A 62 -25.52 2.43 13.87
C ALA A 62 -26.70 1.47 13.70
N ASP A 63 -26.71 0.70 12.61
CA ASP A 63 -27.67 -0.38 12.43
C ASP A 63 -27.38 -1.51 13.44
N LEU A 64 -28.37 -2.39 13.61
CA LEU A 64 -28.22 -3.46 14.60
C LEU A 64 -27.04 -4.38 14.34
N PRO A 65 -26.85 -4.96 13.14
CA PRO A 65 -25.72 -5.89 12.97
C PRO A 65 -24.40 -5.24 13.24
N THR A 66 -24.27 -3.94 12.96
CA THR A 66 -23.02 -3.25 13.22
C THR A 66 -22.74 -3.20 14.71
N LEU A 67 -23.75 -2.87 15.50
CA LEU A 67 -23.55 -2.67 16.92
C LEU A 67 -23.34 -3.99 17.66
N VAL A 68 -24.06 -5.06 17.28
CA VAL A 68 -23.80 -6.34 17.94
C VAL A 68 -22.42 -6.88 17.58
N GLY A 69 -21.96 -6.61 16.35
CA GLY A 69 -20.64 -7.06 15.92
C GLY A 69 -19.53 -6.61 16.85
N THR A 70 -19.50 -5.30 17.16
CA THR A 70 -18.45 -4.75 18.01
C THR A 70 -18.52 -5.29 19.43
N LEU A 71 -19.65 -5.88 19.82
CA LEU A 71 -19.89 -6.27 21.20
C LEU A 71 -20.07 -7.78 21.37
N ARG A 72 -20.13 -8.53 20.25
CA ARG A 72 -20.36 -9.98 20.22
C ARG A 72 -19.53 -10.78 21.22
N HIS A 73 -18.31 -10.34 21.52
CA HIS A 73 -17.43 -11.13 22.36
C HIS A 73 -17.81 -11.13 23.84
N HIS A 74 -18.89 -10.44 24.22
CA HIS A 74 -19.28 -10.35 25.61
C HIS A 74 -20.25 -11.44 26.02
N CYS A 75 -20.92 -12.06 25.06
CA CYS A 75 -21.97 -13.03 25.32
C CYS A 75 -21.72 -14.30 24.51
N LYS A 76 -22.30 -15.41 24.98
CA LYS A 76 -22.17 -16.65 24.23
C LYS A 76 -23.04 -16.68 22.99
N SER A 77 -24.01 -15.76 22.87
CA SER A 77 -24.95 -15.76 21.75
C SER A 77 -25.09 -14.36 21.16
N ALA A 78 -25.27 -14.31 19.84
CA ALA A 78 -25.61 -13.06 19.17
C ALA A 78 -26.92 -12.49 19.72
N GLN A 79 -27.87 -13.37 20.04
CA GLN A 79 -29.19 -12.94 20.51
C GLN A 79 -29.08 -12.20 21.84
N GLU A 80 -28.28 -12.73 22.77
CA GLU A 80 -28.08 -12.09 24.06
C GLU A 80 -27.61 -10.64 23.88
N VAL A 81 -26.77 -10.38 22.88
CA VAL A 81 -26.25 -9.03 22.66
C VAL A 81 -27.39 -8.09 22.26
N ALA A 82 -28.26 -8.54 21.34
CA ALA A 82 -29.34 -7.66 20.87
C ALA A 82 -30.35 -7.40 21.98
N ASP A 83 -30.58 -8.40 22.83
CA ASP A 83 -31.48 -8.23 23.96
C ASP A 83 -30.93 -7.18 24.91
N ASN A 84 -29.69 -7.35 25.34
CA ASN A 84 -29.02 -6.32 26.13
C ASN A 84 -29.17 -4.93 25.51
N LEU A 85 -29.09 -4.84 24.17
CA LEU A 85 -29.23 -3.55 23.50
C LEU A 85 -30.64 -3.01 23.59
N PHE A 86 -31.65 -3.88 23.50
CA PHE A 86 -33.02 -3.44 23.73
C PHE A 86 -33.19 -2.94 25.16
N LYS A 87 -32.76 -3.74 26.13
CA LYS A 87 -32.79 -3.31 27.53
C LYS A 87 -32.15 -1.94 27.73
N MET A 88 -31.04 -1.67 27.04
CA MET A 88 -30.41 -0.36 27.26
C MET A 88 -31.13 0.75 26.52
N ALA A 89 -31.69 0.48 25.33
CA ALA A 89 -32.39 1.54 24.62
C ALA A 89 -33.69 1.91 25.35
N SER A 90 -34.32 0.95 26.03
CA SER A 90 -35.57 1.20 26.71
C SER A 90 -35.34 1.95 28.02
N GLU A 91 -34.13 1.83 28.57
CA GLU A 91 -33.72 2.53 29.78
C GLU A 91 -33.01 3.84 29.43
N ASP A 92 -33.14 4.29 28.18
CA ASP A 92 -32.65 5.61 27.71
C ASP A 92 -31.13 5.75 27.74
N CYS A 93 -30.38 4.65 27.64
CA CYS A 93 -28.94 4.76 27.43
C CYS A 93 -28.61 5.34 26.06
N PHE A 94 -29.50 5.12 25.10
CA PHE A 94 -29.49 5.69 23.75
C PHE A 94 -30.85 5.34 23.16
N ASN A 95 -31.15 5.92 22.00
CA ASN A 95 -32.44 5.67 21.37
C ASN A 95 -32.27 4.73 20.17
N PHE A 96 -33.32 3.94 19.94
CA PHE A 96 -33.53 3.22 18.68
C PHE A 96 -34.77 3.74 17.96
N ASP A 97 -34.60 4.14 16.70
CA ASP A 97 -35.67 4.68 15.87
C ASP A 97 -36.07 3.64 14.84
N PRO A 98 -37.22 2.97 15.01
CA PRO A 98 -37.60 1.86 14.12
C PRO A 98 -37.82 2.26 12.68
N THR A 99 -38.06 3.55 12.40
CA THR A 99 -38.33 4.02 11.05
C THR A 99 -37.08 4.16 10.20
N ILE A 100 -35.91 4.28 10.81
CA ILE A 100 -34.64 4.30 10.10
C ILE A 100 -33.77 3.10 10.42
N ASP A 101 -34.23 2.22 11.32
CA ASP A 101 -33.51 1.01 11.76
C ASP A 101 -32.11 1.27 12.29
N LYS A 102 -31.94 2.33 13.05
CA LYS A 102 -30.63 2.63 13.61
C LYS A 102 -30.76 2.97 15.10
N PHE A 103 -29.65 2.84 15.80
CA PHE A 103 -29.52 3.37 17.15
C PHE A 103 -28.96 4.78 17.01
N ILE A 104 -29.45 5.70 17.81
CA ILE A 104 -28.92 7.05 17.79
C ILE A 104 -28.39 7.40 19.17
N VAL A 105 -27.21 8.01 19.19
CA VAL A 105 -26.51 8.28 20.44
C VAL A 105 -27.26 9.34 21.22
N ILE A 106 -27.15 9.27 22.54
CA ILE A 106 -27.55 10.36 23.42
C ILE A 106 -26.35 10.97 24.11
N TYR A 107 -25.48 10.13 24.68
CA TYR A 107 -24.37 10.60 25.49
C TYR A 107 -23.07 10.49 24.70
N THR A 108 -22.48 11.64 24.39
CA THR A 108 -21.28 11.74 23.57
C THR A 108 -20.16 12.39 24.36
N ILE A 109 -18.92 12.16 23.94
CA ILE A 109 -17.83 12.70 24.73
C ILE A 109 -17.68 14.20 24.44
N SER A 110 -17.07 14.90 25.39
CA SER A 110 -16.84 16.33 25.25
C SER A 110 -16.02 16.65 23.99
N ASP A 111 -16.15 17.90 23.55
CA ASP A 111 -15.36 18.35 22.42
C ASP A 111 -13.88 18.41 22.77
N ASP A 112 -13.56 18.73 24.02
CA ASP A 112 -12.15 18.84 24.39
C ASP A 112 -11.47 17.49 24.35
N VAL A 113 -12.13 16.43 24.84
CA VAL A 113 -11.56 15.10 24.75
C VAL A 113 -11.56 14.62 23.31
N GLN A 114 -12.60 14.92 22.55
CA GLN A 114 -12.59 14.54 21.14
C GLN A 114 -11.43 15.16 20.41
N HIS A 115 -11.02 16.39 20.81
CA HIS A 115 -9.92 17.03 20.11
C HIS A 115 -8.60 16.33 20.45
N GLU A 116 -8.44 15.88 21.69
CA GLU A 116 -7.25 15.12 22.04
C GLU A 116 -7.21 13.78 21.29
N LEU A 117 -8.33 13.04 21.26
CA LEU A 117 -8.38 11.80 20.47
C LEU A 117 -8.07 12.03 19.00
N ASP A 118 -8.58 13.12 18.44
CA ASP A 118 -8.30 13.40 17.04
C ASP A 118 -6.84 13.73 16.80
N SER A 119 -6.14 14.26 17.81
CA SER A 119 -4.73 14.60 17.65
C SER A 119 -3.78 13.43 17.85
N PHE A 120 -4.10 12.53 18.75
CA PHE A 120 -3.08 11.61 19.26
C PHE A 120 -3.45 10.13 19.26
N GLN A 121 -4.63 9.75 18.76
CA GLN A 121 -4.97 8.34 18.81
C GLN A 121 -4.24 7.52 17.75
N TYR A 122 -3.73 8.17 16.69
CA TYR A 122 -3.03 7.48 15.61
C TYR A 122 -1.53 7.63 15.81
N PRO A 123 -0.74 6.67 15.37
CA PRO A 123 0.72 6.80 15.55
C PRO A 123 1.24 8.05 14.85
N LEU A 124 2.29 8.64 15.43
CA LEU A 124 2.96 9.78 14.85
C LEU A 124 4.35 9.38 14.35
N PRO A 125 4.98 10.22 13.54
CA PRO A 125 6.39 9.95 13.21
C PRO A 125 7.23 10.01 14.47
N MET A 126 8.40 9.40 14.41
CA MET A 126 9.33 9.47 15.53
C MET A 126 10.30 10.60 15.26
N VAL A 127 10.75 11.26 16.34
CA VAL A 127 11.72 12.36 16.19
C VAL A 127 13.14 11.92 16.52
N VAL A 128 13.32 10.67 16.92
CA VAL A 128 14.62 10.01 16.90
C VAL A 128 14.51 8.86 15.93
N ARG A 129 15.66 8.30 15.57
CA ARG A 129 15.73 7.05 14.83
C ARG A 129 14.88 5.95 15.48
N PRO A 130 13.96 5.35 14.74
CA PRO A 130 13.17 4.22 15.30
C PRO A 130 14.08 3.06 15.72
N LYS A 131 13.67 2.35 16.77
CA LYS A 131 14.37 1.15 17.21
C LYS A 131 14.56 0.17 16.06
N LEU A 132 15.75 -0.41 16.00
CA LEU A 132 16.00 -1.49 15.06
C LEU A 132 15.11 -2.68 15.41
N LEU A 133 14.38 -3.20 14.43
CA LEU A 133 13.54 -4.37 14.65
C LEU A 133 14.35 -5.65 14.46
N THR A 134 14.25 -6.56 15.40
CA THR A 134 15.02 -7.80 15.38
C THR A 134 14.13 -9.00 15.57
N LYS A 135 12.89 -8.80 15.99
CA LYS A 135 11.87 -9.82 16.06
C LYS A 135 10.58 -9.18 15.55
N ASN A 136 9.55 -10.01 15.37
CA ASN A 136 8.28 -9.59 14.77
C ASN A 136 7.33 -8.93 15.76
N TYR A 137 7.89 -8.34 16.81
CA TYR A 137 7.14 -7.56 17.78
C TYR A 137 7.76 -6.18 17.91
N GLY A 138 6.91 -5.16 18.02
CA GLY A 138 7.46 -3.82 18.13
C GLY A 138 7.48 -3.20 16.76
N THR A 139 7.12 -1.93 16.64
CA THR A 139 7.00 -1.32 15.34
C THR A 139 7.94 -0.14 15.17
N GLY A 140 8.93 0.00 16.04
CA GLY A 140 9.89 1.10 15.97
C GLY A 140 9.87 2.01 17.17
N TYR A 141 8.74 2.09 17.87
CA TYR A 141 8.68 2.99 19.01
C TYR A 141 9.29 2.34 20.24
N PHE A 142 9.59 3.17 21.23
CA PHE A 142 10.25 2.68 22.43
C PHE A 142 9.30 2.04 23.43
N THR A 143 7.98 2.19 23.26
CA THR A 143 7.03 1.67 24.23
C THR A 143 5.96 0.75 23.66
N CYS A 144 5.99 0.41 22.39
CA CYS A 144 5.00 -0.51 21.86
C CYS A 144 5.65 -1.86 21.60
N ASN A 145 4.97 -2.95 21.94
CA ASN A 145 5.54 -4.23 21.55
C ASN A 145 4.50 -5.18 20.95
N LYS A 146 3.49 -4.63 20.29
CA LYS A 146 2.53 -5.43 19.54
C LYS A 146 3.19 -6.05 18.29
N SER A 147 2.57 -7.11 17.78
CA SER A 147 2.92 -7.69 16.49
C SER A 147 3.13 -6.63 15.39
N VAL A 148 4.22 -6.78 14.63
CA VAL A 148 4.53 -5.79 13.60
C VAL A 148 3.62 -5.95 12.38
N ILE A 149 3.07 -7.16 12.14
CA ILE A 149 2.19 -7.44 11.00
C ILE A 149 0.79 -6.85 11.21
N LEU A 150 0.24 -6.24 10.17
CA LEU A 150 -1.05 -5.57 10.28
C LEU A 150 -2.19 -6.56 10.48
N LYS A 151 -3.13 -6.18 11.35
CA LYS A 151 -4.25 -7.02 11.76
C LYS A 151 -3.82 -8.32 12.47
N LYS A 152 -4.71 -9.31 12.55
CA LYS A 152 -4.45 -10.52 13.34
C LYS A 152 -3.85 -11.58 12.43
N ASN A 153 -2.54 -11.41 12.19
CA ASN A 153 -1.86 -12.20 11.17
C ASN A 153 -0.44 -12.48 11.61
N HIS A 154 -0.28 -12.84 12.88
CA HIS A 154 1.06 -12.96 13.39
C HIS A 154 1.73 -14.25 12.95
N THR A 155 3.01 -14.14 12.62
CA THR A 155 3.88 -15.28 12.48
C THR A 155 5.21 -14.84 13.08
N ASP A 156 6.02 -15.81 13.49
CA ASP A 156 7.38 -15.51 13.92
C ASP A 156 8.38 -15.92 12.86
N ASP A 157 7.88 -16.35 11.71
CA ASP A 157 8.72 -16.58 10.55
C ASP A 157 9.26 -15.25 9.99
N ASP A 158 10.24 -15.41 9.13
CA ASP A 158 10.91 -14.31 8.47
C ASP A 158 9.92 -13.48 7.66
N ILE A 159 9.81 -12.18 7.97
CA ILE A 159 9.00 -11.24 7.19
C ILE A 159 9.83 -10.05 6.71
N CYS A 160 11.12 -10.26 6.49
CA CYS A 160 12.01 -9.25 5.92
C CYS A 160 12.04 -7.96 6.76
N LEU A 161 12.37 -8.12 8.04
CA LEU A 161 12.59 -6.96 8.87
C LEU A 161 13.56 -5.98 8.22
N ASP A 162 14.51 -6.47 7.40
CA ASP A 162 15.47 -5.56 6.79
C ASP A 162 14.78 -4.44 6.03
N HIS A 163 13.65 -4.74 5.39
CA HIS A 163 12.98 -3.71 4.61
C HIS A 163 12.39 -2.62 5.52
N LEU A 164 11.67 -3.03 6.57
CA LEU A 164 11.13 -2.08 7.54
C LEU A 164 12.25 -1.22 8.13
N ASN A 165 13.36 -1.85 8.55
CA ASN A 165 14.45 -1.08 9.13
C ASN A 165 15.03 -0.09 8.14
N ARG A 166 15.00 -0.43 6.83
CA ARG A 166 15.58 0.48 5.84
C ARG A 166 14.66 1.67 5.60
N MET A 167 13.34 1.45 5.60
CA MET A 167 12.39 2.53 5.37
C MET A 167 12.31 3.43 6.59
N ASN A 168 12.32 2.83 7.79
CA ASN A 168 12.17 3.55 9.04
C ASN A 168 13.23 4.60 9.28
N LYS A 169 14.42 4.45 8.68
CA LYS A 169 15.51 5.39 8.92
C LYS A 169 15.62 6.47 7.86
N ILE A 170 14.67 6.55 6.92
CA ILE A 170 14.69 7.67 6.00
C ILE A 170 14.29 8.95 6.71
N PRO A 171 15.14 9.98 6.80
CA PRO A 171 14.71 11.17 7.55
C PRO A 171 13.86 12.03 6.65
N LEU A 172 12.74 12.51 7.20
CA LEU A 172 11.74 13.26 6.47
C LEU A 172 11.51 14.59 7.17
N SER A 173 10.84 15.49 6.46
CA SER A 173 10.46 16.75 7.08
C SER A 173 9.23 17.31 6.38
N ILE A 174 8.72 18.36 6.95
CA ILE A 174 7.47 18.95 6.51
C ILE A 174 7.86 20.14 5.66
N ASN A 175 7.17 20.29 4.53
CA ASN A 175 7.35 21.48 3.69
C ASN A 175 6.26 22.46 4.10
N TRP A 176 6.64 23.48 4.89
CA TRP A 176 5.64 24.37 5.48
C TRP A 176 5.02 25.28 4.46
N ASP A 177 5.73 25.50 3.36
CA ASP A 177 5.22 26.27 2.24
C ASP A 177 4.01 25.57 1.62
N VAL A 178 4.14 24.27 1.31
CA VAL A 178 3.01 23.50 0.80
C VAL A 178 1.92 23.36 1.86
N ALA A 179 2.31 23.10 3.11
CA ALA A 179 1.32 22.88 4.17
C ALA A 179 0.41 24.10 4.37
N HIS A 180 0.95 25.29 4.19
CA HIS A 180 0.14 26.48 4.36
C HIS A 180 -0.72 26.69 3.12
N MET A 181 -0.20 26.38 1.94
CA MET A 181 -1.01 26.43 0.72
C MET A 181 -2.25 25.53 0.82
N VAL A 182 -2.07 24.29 1.30
CA VAL A 182 -3.21 23.38 1.44
C VAL A 182 -4.26 23.95 2.40
N LYS A 183 -3.83 24.35 3.60
CA LYS A 183 -4.77 24.91 4.57
C LYS A 183 -5.51 26.13 4.01
N ASN A 184 -4.79 27.07 3.38
CA ASN A 184 -5.44 28.25 2.80
C ASN A 184 -6.33 27.94 1.59
N GLU A 185 -5.98 26.95 0.75
CA GLU A 185 -6.57 26.87 -0.58
C GLU A 185 -7.21 25.55 -1.00
N TRP A 186 -7.08 24.47 -0.23
CA TRP A 186 -7.56 23.18 -0.72
C TRP A 186 -9.09 23.11 -0.79
N ALA A 187 -9.78 23.72 0.19
CA ALA A 187 -11.24 23.60 0.22
C ALA A 187 -11.88 24.23 -1.00
N ASN A 188 -11.32 25.30 -1.55
CA ASN A 188 -11.89 25.91 -2.75
C ASN A 188 -11.18 25.43 -4.02
N LEU A 189 -10.23 24.52 -3.89
CA LEU A 189 -9.62 23.87 -5.03
C LEU A 189 -10.24 22.50 -5.32
N ASP A 190 -10.78 21.84 -4.28
CA ASP A 190 -11.31 20.47 -4.38
C ASP A 190 -12.63 20.45 -5.14
N LYS A 191 -12.52 20.44 -6.47
CA LYS A 191 -13.73 20.48 -7.26
C LYS A 191 -14.35 19.08 -7.27
N PRO A 192 -15.71 18.98 -7.37
CA PRO A 192 -16.37 17.66 -7.37
C PRO A 192 -15.71 16.65 -8.31
N LYS A 193 -15.08 15.62 -7.75
CA LYS A 193 -14.31 14.66 -8.54
C LYS A 193 -15.19 13.77 -9.40
N THR A 197 -19.16 10.04 -8.66
CA THR A 197 -20.26 9.97 -7.69
C THR A 197 -20.65 11.37 -7.21
N ARG A 198 -21.41 11.42 -6.10
CA ARG A 198 -21.71 12.68 -5.43
C ARG A 198 -21.87 12.48 -3.92
N GLN A 199 -21.93 11.21 -3.49
CA GLN A 199 -21.82 10.85 -2.08
C GLN A 199 -20.38 10.60 -1.65
N GLU A 200 -19.56 10.06 -2.56
CA GLU A 200 -18.13 9.86 -2.31
C GLU A 200 -17.38 11.19 -2.18
N PHE A 201 -17.79 12.22 -2.95
CA PHE A 201 -17.14 13.52 -2.90
C PHE A 201 -17.45 14.26 -1.59
N GLU A 202 -18.72 14.34 -1.21
CA GLU A 202 -19.09 15.03 0.03
C GLU A 202 -18.46 14.34 1.24
N LYS A 203 -17.96 13.12 1.05
CA LYS A 203 -17.27 12.31 2.04
C LYS A 203 -15.79 12.73 2.14
N ARG A 204 -15.14 13.00 0.99
CA ARG A 204 -13.76 13.47 0.97
C ARG A 204 -13.64 14.90 1.50
N VAL A 205 -14.72 15.69 1.43
CA VAL A 205 -14.73 17.04 1.97
C VAL A 205 -14.67 16.99 3.50
N ARG A 206 -15.51 16.14 4.09
CA ARG A 206 -15.50 15.92 5.53
C ARG A 206 -14.13 15.43 6.00
N ALA A 207 -13.54 14.48 5.26
CA ALA A 207 -12.27 13.89 5.67
C ALA A 207 -11.18 14.95 5.79
N PHE A 208 -11.22 15.96 4.92
CA PHE A 208 -10.26 17.05 4.99
C PHE A 208 -10.55 17.96 6.18
N GLN A 209 -11.82 18.33 6.39
CA GLN A 209 -12.16 19.19 7.52
C GLN A 209 -11.71 18.60 8.85
N LYS A 210 -11.94 17.29 9.06
CA LYS A 210 -11.44 16.64 10.29
C LYS A 210 -9.92 16.78 10.39
N TYR A 211 -9.23 16.53 9.28
CA TYR A 211 -7.77 16.60 9.22
C TYR A 211 -7.32 18.03 9.55
N ASP A 212 -7.99 19.01 8.98
CA ASP A 212 -7.54 20.38 9.10
C ASP A 212 -7.69 20.87 10.54
N ARG A 213 -8.65 20.30 11.29
CA ARG A 213 -8.79 20.61 12.72
C ARG A 213 -7.51 20.40 13.52
N THR A 214 -6.73 19.37 13.20
CA THR A 214 -5.62 19.03 14.09
C THR A 214 -4.26 18.93 13.41
N ALA A 215 -4.18 18.96 12.08
CA ALA A 215 -2.90 18.68 11.43
C ALA A 215 -1.81 19.68 11.82
N HIS A 216 -2.06 20.98 11.64
CA HIS A 216 -1.04 21.97 11.99
C HIS A 216 -0.62 21.86 13.47
N GLU A 217 -1.56 21.69 14.39
CA GLU A 217 -1.17 21.53 15.78
C GLU A 217 -0.23 20.33 15.94
N VAL A 218 -0.58 19.22 15.31
CA VAL A 218 0.24 18.01 15.38
C VAL A 218 1.59 18.24 14.69
N MET A 219 1.58 18.85 13.51
CA MET A 219 2.83 19.12 12.81
C MET A 219 3.72 20.05 13.63
N GLY A 220 3.12 21.03 14.32
CA GLY A 220 3.92 21.93 15.12
C GLY A 220 4.51 21.24 16.34
N LEU A 221 3.69 20.46 17.04
CA LEU A 221 4.16 19.71 18.20
C LEU A 221 5.25 18.72 17.78
N LEU A 222 4.96 17.94 16.71
CA LEU A 222 5.87 16.94 16.18
C LEU A 222 7.28 17.49 16.04
N THR A 223 7.41 18.62 15.36
CA THR A 223 8.69 19.21 15.00
C THR A 223 9.19 20.21 16.05
N GLN A 224 8.67 20.13 17.28
CA GLN A 224 9.08 21.07 18.33
C GLN A 224 10.61 21.18 18.47
N GLU A 225 11.33 20.07 18.35
CA GLU A 225 12.77 20.10 18.51
C GLU A 225 13.49 20.11 17.18
N GLY A 226 12.82 20.49 16.10
CA GLY A 226 13.42 20.42 14.79
C GLY A 226 12.62 19.73 13.70
N ASN A 227 12.79 20.21 12.47
CA ASN A 227 11.99 19.77 11.34
C ASN A 227 12.59 18.54 10.66
N LYS A 228 12.54 17.41 11.36
CA LYS A 228 13.19 16.18 10.91
C LYS A 228 12.56 15.02 11.66
N PHE A 229 12.12 13.97 10.97
CA PHE A 229 11.42 12.89 11.66
C PHE A 229 11.37 11.65 10.77
N TYR A 230 10.86 10.55 11.35
CA TYR A 230 10.87 9.24 10.70
C TYR A 230 9.54 8.52 10.80
N LEU A 231 9.09 7.98 9.68
CA LEU A 231 7.89 7.16 9.68
C LEU A 231 8.21 5.69 9.93
N THR A 232 7.36 5.04 10.69
CA THR A 232 7.48 3.63 10.96
C THR A 232 6.69 2.91 9.88
N HIS A 233 7.09 1.68 9.60
CA HIS A 233 6.53 0.90 8.50
C HIS A 233 6.11 -0.49 8.94
N ARG A 234 4.96 -0.92 8.45
CA ARG A 234 4.48 -2.24 8.78
C ARG A 234 4.04 -3.01 7.54
N PRO A 235 4.28 -4.33 7.52
CA PRO A 235 3.84 -5.17 6.41
C PRO A 235 2.46 -5.74 6.67
N ASP A 236 1.69 -5.92 5.61
CA ASP A 236 0.52 -6.76 5.78
C ASP A 236 0.92 -8.24 5.56
N LYS A 237 -0.06 -9.12 5.61
CA LYS A 237 0.28 -10.54 5.57
C LYS A 237 0.84 -10.94 4.22
N ARG A 238 0.64 -10.11 3.20
CA ARG A 238 1.11 -10.42 1.86
C ARG A 238 2.51 -9.88 1.62
N GLY A 239 2.92 -8.90 2.41
CA GLY A 239 4.18 -8.25 2.23
C GLY A 239 4.09 -6.96 1.46
N ARG A 240 2.92 -6.34 1.40
CA ARG A 240 2.85 -4.95 1.01
C ARG A 240 3.26 -4.15 2.25
N THR A 241 3.97 -3.04 2.05
CA THR A 241 4.51 -2.21 3.13
C THR A 241 3.71 -0.92 3.33
N TYR A 242 3.31 -0.63 4.57
CA TYR A 242 2.47 0.53 4.90
C TYR A 242 3.18 1.42 5.91
N SER A 243 3.35 2.68 5.56
CA SER A 243 3.88 3.66 6.50
C SER A 243 2.74 4.05 7.46
N GLN A 244 3.07 4.18 8.74
CA GLN A 244 2.07 4.33 9.80
C GLN A 244 1.86 5.79 10.22
N GLY A 245 0.62 6.25 10.14
CA GLY A 245 0.26 7.58 10.64
C GLY A 245 -0.86 8.18 9.82
N TYR A 246 -1.64 9.06 10.47
CA TYR A 246 -2.78 9.75 9.86
C TYR A 246 -2.46 11.18 9.45
N HIS A 247 -1.89 11.98 10.35
CA HIS A 247 -1.71 13.39 10.03
C HIS A 247 -0.54 13.62 9.08
N VAL A 248 0.50 12.77 9.15
CA VAL A 248 1.72 12.88 8.35
C VAL A 248 2.04 11.51 7.76
N ASN A 249 1.89 11.39 6.46
CA ASN A 249 2.03 10.13 5.74
C ASN A 249 2.12 10.36 4.25
N TYR A 250 3.13 9.78 3.60
CA TYR A 250 3.26 9.91 2.15
C TYR A 250 2.39 8.91 1.42
N GLN A 251 1.76 8.01 2.15
CA GLN A 251 0.68 7.20 1.61
C GLN A 251 -0.63 7.85 2.02
N GLY A 252 -1.71 7.41 1.44
CA GLY A 252 -2.94 8.11 1.78
C GLY A 252 -3.32 9.33 0.93
N THR A 253 -3.78 10.42 1.54
CA THR A 253 -4.48 11.44 0.77
C THR A 253 -3.54 12.40 0.05
N SER A 254 -4.06 12.98 -1.02
CA SER A 254 -3.24 13.85 -1.86
C SER A 254 -2.79 15.10 -1.12
N TRP A 255 -3.61 15.60 -0.18
CA TRP A 255 -3.26 16.75 0.64
C TRP A 255 -2.24 16.39 1.70
N ASN A 256 -2.05 15.09 1.92
CA ASN A 256 -1.08 14.55 2.85
C ASN A 256 0.27 14.33 2.17
N LYS A 257 0.29 13.53 1.11
CA LYS A 257 1.49 13.36 0.29
C LYS A 257 2.27 14.66 0.03
N ALA A 258 1.56 15.74 -0.33
CA ALA A 258 2.16 16.97 -0.85
C ALA A 258 3.10 17.65 0.14
N VAL A 259 2.84 17.48 1.42
CA VAL A 259 3.53 18.20 2.47
C VAL A 259 4.87 17.58 2.85
N LEU A 260 5.05 16.28 2.57
CA LEU A 260 6.26 15.55 2.94
C LEU A 260 7.37 15.68 1.91
N GLU A 261 8.61 15.84 2.42
CA GLU A 261 9.77 15.82 1.55
C GLU A 261 10.94 15.19 2.31
N PHE A 262 12.03 14.93 1.59
CA PHE A 262 13.22 14.39 2.23
C PHE A 262 13.89 15.45 3.09
N ALA A 263 14.36 15.03 4.26
CA ALA A 263 15.08 15.96 5.13
C ALA A 263 16.48 16.23 4.59
N GLU A 264 17.04 15.32 3.82
CA GLU A 264 18.36 15.53 3.23
C GLU A 264 18.14 16.09 1.83
N LYS A 265 18.08 17.41 1.73
CA LYS A 265 17.92 18.08 0.44
C LYS A 265 19.22 17.96 -0.36
N GLU A 266 19.11 18.21 -1.68
CA GLU A 266 20.25 18.09 -2.58
C GLU A 266 20.16 19.14 -3.68
N VAL A 267 21.33 19.64 -4.10
CA VAL A 267 21.40 20.55 -5.24
C VAL A 267 21.29 19.70 -6.49
N ILE A 268 20.21 19.94 -7.23
CA ILE A 268 19.80 19.05 -8.32
C ILE A 268 20.78 19.03 -9.48
N ASP A 269 21.34 20.19 -9.85
CA ASP A 269 22.13 20.47 -11.08
C ASP A 269 21.22 20.91 -12.22
N MET B 1 15.58 2.29 -23.75
CA MET B 1 15.11 3.18 -22.71
C MET B 1 15.75 4.55 -22.84
N GLN B 2 14.99 5.62 -23.10
CA GLN B 2 15.66 6.91 -23.13
C GLN B 2 15.78 7.52 -21.72
N THR B 3 16.89 8.23 -21.50
CA THR B 3 17.18 8.89 -20.24
C THR B 3 16.77 10.36 -20.27
N PHE B 4 16.71 10.98 -19.09
CA PHE B 4 16.37 12.38 -18.92
C PHE B 4 17.27 13.00 -17.83
N THR B 5 17.40 14.34 -17.87
CA THR B 5 18.12 15.07 -16.81
C THR B 5 17.27 15.15 -15.54
N ALA B 6 17.90 15.53 -14.43
CA ALA B 6 17.12 15.68 -13.20
C ALA B 6 16.04 16.74 -13.39
N ARG B 7 16.39 17.87 -14.00
CA ARG B 7 15.41 18.93 -14.21
C ARG B 7 14.29 18.42 -15.12
N GLU B 8 14.61 17.54 -16.06
CA GLU B 8 13.56 17.01 -16.93
C GLU B 8 12.58 16.13 -16.15
N TYR B 9 13.09 15.38 -15.16
CA TYR B 9 12.18 14.56 -14.36
C TYR B 9 11.26 15.44 -13.54
N LEU B 10 11.77 16.58 -13.07
CA LEU B 10 10.90 17.56 -12.47
C LEU B 10 9.81 17.99 -13.45
N LYS B 11 10.18 18.21 -14.71
CA LYS B 11 9.21 18.65 -15.71
C LYS B 11 8.15 17.59 -15.90
N ILE B 12 8.57 16.33 -16.00
CA ILE B 12 7.63 15.24 -16.17
C ILE B 12 6.70 15.13 -14.98
N ASP B 13 7.26 15.24 -13.77
CA ASP B 13 6.45 15.11 -12.58
C ASP B 13 5.40 16.19 -12.48
N ILE B 14 5.77 17.44 -12.79
CA ILE B 14 4.79 18.51 -12.76
C ILE B 14 3.73 18.30 -13.86
N ALA B 15 4.16 17.90 -15.06
CA ALA B 15 3.18 17.55 -16.11
C ALA B 15 2.25 16.45 -15.64
N ASN B 16 2.79 15.37 -15.05
CA ASN B 16 1.96 14.28 -14.54
C ASN B 16 0.84 14.81 -13.62
N ASN B 17 1.17 15.73 -12.73
CA ASN B 17 0.18 16.18 -11.76
C ASN B 17 -0.75 17.24 -12.34
N TYR B 18 -0.53 17.68 -13.59
CA TYR B 18 -1.43 18.64 -14.20
C TYR B 18 -2.83 18.07 -14.54
N GLY B 19 -2.97 16.84 -15.04
CA GLY B 19 -1.95 15.89 -15.43
C GLY B 19 -2.16 15.17 -16.75
N LEU B 20 -1.03 15.05 -17.43
CA LEU B 20 -0.88 14.41 -18.72
C LEU B 20 -0.06 13.13 -18.59
N ASP B 21 -0.39 12.32 -17.58
CA ASP B 21 0.42 11.14 -17.25
C ASP B 21 0.29 10.03 -18.28
N LYS B 22 -0.71 10.12 -19.17
CA LYS B 22 -0.87 9.16 -20.25
C LYS B 22 -0.20 9.62 -21.55
N GLU B 23 0.36 10.82 -21.59
CA GLU B 23 1.12 11.31 -22.74
C GLU B 23 2.54 10.76 -22.75
N ASP B 24 3.14 10.72 -23.95
CA ASP B 24 4.54 10.34 -24.06
C ASP B 24 5.42 11.34 -23.29
N TRP B 25 6.65 10.91 -22.99
CA TRP B 25 7.63 11.75 -22.29
C TRP B 25 7.82 13.10 -22.98
N ASP B 26 8.02 13.08 -24.31
CA ASP B 26 8.40 14.34 -24.97
C ASP B 26 7.21 15.29 -25.08
N ASP B 27 5.99 14.76 -25.20
CA ASP B 27 4.83 15.63 -25.20
C ASP B 27 4.67 16.29 -23.84
N ARG B 28 5.06 15.56 -22.78
CA ARG B 28 4.98 16.10 -21.43
C ARG B 28 6.00 17.20 -21.22
N ILE B 29 7.25 16.98 -21.66
CA ILE B 29 8.23 18.04 -21.53
C ILE B 29 7.89 19.21 -22.43
N ALA B 30 7.31 18.96 -23.61
CA ALA B 30 6.91 20.07 -24.48
C ALA B 30 5.81 20.90 -23.84
N TRP B 31 4.81 20.24 -23.24
CA TRP B 31 3.76 20.99 -22.52
C TRP B 31 4.38 21.86 -21.43
N PHE B 32 5.38 21.32 -20.73
CA PHE B 32 6.02 22.07 -19.65
C PHE B 32 6.70 23.32 -20.19
N ASP B 33 7.68 23.13 -21.09
CA ASP B 33 8.39 24.23 -21.74
C ASP B 33 7.45 25.33 -22.19
N LYS B 34 6.31 24.95 -22.76
CA LYS B 34 5.32 25.93 -23.20
C LYS B 34 4.71 26.73 -22.05
N ASN B 35 4.51 26.14 -20.88
CA ASN B 35 3.83 26.84 -19.80
C ASN B 35 4.74 27.19 -18.63
N GLU B 36 6.07 27.07 -18.79
CA GLU B 36 7.02 27.23 -17.69
C GLU B 36 6.80 28.57 -16.97
N ASN B 37 6.56 29.65 -17.71
CA ASN B 37 6.52 30.98 -17.14
C ASN B 37 5.19 31.31 -16.48
N ASN B 38 4.18 30.43 -16.59
CA ASN B 38 2.86 30.66 -16.01
C ASN B 38 2.41 29.56 -15.07
N LEU B 39 3.33 28.79 -14.47
CA LEU B 39 2.91 27.58 -13.77
C LEU B 39 2.02 27.86 -12.57
N LEU B 40 2.33 28.88 -11.76
CA LEU B 40 1.57 29.10 -10.53
C LEU B 40 0.11 29.45 -10.78
N ASN B 41 -0.23 29.94 -11.97
CA ASN B 41 -1.62 30.26 -12.25
C ASN B 41 -2.41 29.04 -12.71
N LEU B 42 -1.71 27.96 -13.05
CA LEU B 42 -2.32 26.71 -13.50
C LEU B 42 -2.73 25.80 -12.34
N VAL B 43 -2.37 26.16 -11.10
CA VAL B 43 -2.61 25.32 -9.93
C VAL B 43 -4.10 25.02 -9.78
N ARG B 44 -4.97 26.00 -10.05
CA ARG B 44 -6.40 25.80 -9.83
C ARG B 44 -7.03 24.83 -10.81
N GLU B 45 -6.37 24.51 -11.91
CA GLU B 45 -6.96 23.56 -12.85
C GLU B 45 -6.17 22.26 -12.96
N ALA B 46 -5.13 22.07 -12.16
CA ALA B 46 -4.39 20.82 -12.18
C ALA B 46 -5.21 19.70 -11.50
N GLU B 47 -5.01 18.48 -11.97
CA GLU B 47 -5.70 17.34 -11.35
C GLU B 47 -5.29 17.12 -9.91
N GLU B 48 -4.00 17.32 -9.57
CA GLU B 48 -3.53 17.23 -8.19
C GLU B 48 -2.92 18.57 -7.77
N PRO B 49 -3.76 19.52 -7.36
CA PRO B 49 -3.26 20.87 -7.07
C PRO B 49 -2.09 20.91 -6.11
N ALA B 50 -2.21 20.21 -4.98
CA ALA B 50 -1.17 20.29 -3.95
C ALA B 50 0.16 19.73 -4.44
N LEU B 51 0.13 18.56 -5.10
CA LEU B 51 1.39 17.96 -5.56
C LEU B 51 1.95 18.75 -6.74
N PHE B 52 1.09 19.23 -7.61
CA PHE B 52 1.51 20.14 -8.66
C PHE B 52 2.27 21.32 -8.05
N TYR B 53 1.64 21.96 -7.04
CA TYR B 53 2.24 23.12 -6.38
C TYR B 53 3.59 22.78 -5.74
N ALA B 54 3.65 21.64 -5.03
CA ALA B 54 4.93 21.23 -4.46
C ALA B 54 5.98 21.09 -5.56
N GLY B 55 5.59 20.51 -6.70
CA GLY B 55 6.54 20.34 -7.80
C GLY B 55 6.97 21.67 -8.37
N VAL B 56 6.02 22.57 -8.64
CA VAL B 56 6.36 23.89 -9.15
C VAL B 56 7.33 24.60 -8.21
N LYS B 57 7.05 24.60 -6.90
CA LYS B 57 7.97 25.25 -5.97
C LYS B 57 9.37 24.64 -6.02
N ALA B 58 9.44 23.31 -6.24
CA ALA B 58 10.75 22.67 -6.33
C ALA B 58 11.49 23.16 -7.58
N TRP B 59 10.76 23.25 -8.70
CA TRP B 59 11.35 23.72 -9.95
C TRP B 59 11.94 25.11 -9.76
N MET B 60 11.19 26.00 -9.10
CA MET B 60 11.70 27.33 -8.84
C MET B 60 12.95 27.26 -7.97
N ASP B 61 12.88 26.51 -6.85
CA ASP B 61 14.07 26.39 -6.01
C ASP B 61 15.27 25.86 -6.80
N VAL B 62 15.04 24.96 -7.79
CA VAL B 62 16.13 24.42 -8.60
C VAL B 62 16.69 25.50 -9.52
N LYS B 63 15.81 26.31 -10.10
CA LYS B 63 16.30 27.42 -10.92
C LYS B 63 17.23 28.31 -10.11
N GLU B 64 16.86 28.61 -8.85
CA GLU B 64 17.66 29.51 -8.01
C GLU B 64 18.90 28.81 -7.48
N GLY B 65 19.10 27.56 -7.81
CA GLY B 65 20.22 26.82 -7.33
C GLY B 65 20.04 26.34 -5.92
N LYS B 66 18.82 26.44 -5.37
CA LYS B 66 18.60 26.01 -4.01
C LYS B 66 18.48 24.50 -3.93
N PRO B 67 18.92 23.91 -2.82
CA PRO B 67 18.72 22.46 -2.64
C PRO B 67 17.24 22.17 -2.42
N ILE B 68 16.81 20.96 -2.79
CA ILE B 68 15.43 20.54 -2.63
C ILE B 68 15.35 19.15 -2.02
N GLY B 69 14.22 18.88 -1.35
CA GLY B 69 13.94 17.60 -0.73
C GLY B 69 12.74 16.94 -1.39
N TYR B 70 12.22 17.62 -2.40
CA TYR B 70 11.02 17.17 -3.10
C TYR B 70 11.24 15.95 -3.98
N PRO B 71 10.51 14.86 -3.76
CA PRO B 71 10.67 13.68 -4.61
C PRO B 71 9.62 13.59 -5.70
N VAL B 72 10.04 13.26 -6.91
CA VAL B 72 9.14 13.11 -8.04
C VAL B 72 8.53 11.71 -7.98
N ALA B 73 7.42 11.50 -8.71
CA ALA B 73 6.68 10.23 -8.69
C ALA B 73 6.68 9.58 -10.07
N LEU B 74 6.98 8.27 -10.09
CA LEU B 74 6.87 7.44 -11.28
C LEU B 74 6.02 6.25 -10.90
N ASP B 75 4.93 6.02 -11.64
CA ASP B 75 3.94 5.00 -11.34
C ASP B 75 4.02 3.79 -12.26
N ALA B 76 3.84 2.60 -11.71
CA ALA B 76 3.63 1.42 -12.54
C ALA B 76 2.33 1.61 -13.32
N THR B 77 2.38 1.36 -14.63
CA THR B 77 1.17 1.38 -15.46
C THR B 77 0.55 -0.01 -15.39
N SER B 78 -0.45 -0.21 -14.52
CA SER B 78 -1.11 -1.52 -14.32
C SER B 78 -0.13 -2.57 -13.77
N SER B 79 0.38 -2.30 -12.59
CA SER B 79 1.21 -3.23 -11.83
C SER B 79 0.85 -4.70 -12.00
N GLY B 80 -0.41 -5.04 -11.70
CA GLY B 80 -0.83 -6.44 -11.70
C GLY B 80 -0.67 -7.10 -13.06
N LEU B 81 -1.15 -6.43 -14.10
CA LEU B 81 -1.04 -6.98 -15.45
C LEU B 81 0.42 -7.11 -15.84
N GLN B 82 1.27 -6.16 -15.41
CA GLN B 82 2.68 -6.24 -15.74
C GLN B 82 3.28 -7.49 -15.15
N ILE B 83 3.00 -7.74 -13.88
CA ILE B 83 3.54 -8.90 -13.19
C ILE B 83 3.02 -10.17 -13.81
N LEU B 84 1.71 -10.24 -14.10
CA LEU B 84 1.18 -11.45 -14.70
C LEU B 84 1.75 -11.68 -16.12
N ALA B 85 1.89 -10.60 -16.90
CA ALA B 85 2.51 -10.74 -18.22
C ALA B 85 3.93 -11.31 -18.09
N CYS B 86 4.70 -10.84 -17.08
CA CYS B 86 6.07 -11.32 -16.92
C CYS B 86 6.10 -12.77 -16.44
N LEU B 87 5.19 -13.13 -15.53
CA LEU B 87 5.19 -14.48 -14.98
C LEU B 87 4.94 -15.50 -16.07
N THR B 88 4.01 -15.19 -16.98
CA THR B 88 3.54 -16.11 -18.01
C THR B 88 4.26 -15.94 -19.34
N GLY B 89 5.12 -14.93 -19.49
CA GLY B 89 5.80 -14.73 -20.75
C GLY B 89 4.85 -14.33 -21.86
N ASP B 90 3.84 -13.55 -21.52
CA ASP B 90 2.75 -13.16 -22.41
C ASP B 90 3.09 -11.85 -23.14
N ARG B 91 3.74 -11.97 -24.31
CA ARG B 91 4.17 -10.80 -25.09
C ARG B 91 3.01 -9.87 -25.46
N ARG B 92 1.85 -10.45 -25.73
CA ARG B 92 0.69 -9.63 -26.07
C ARG B 92 0.23 -8.83 -24.84
N ALA B 93 0.23 -9.47 -23.68
CA ALA B 93 -0.14 -8.76 -22.46
C ALA B 93 0.89 -7.69 -22.14
N ALA B 94 2.16 -8.00 -22.39
CA ALA B 94 3.24 -7.06 -22.12
C ALA B 94 3.07 -5.76 -22.88
N GLU B 95 2.57 -5.83 -24.11
CA GLU B 95 2.42 -4.62 -24.91
C GLU B 95 1.26 -3.75 -24.45
N LEU B 96 0.33 -4.30 -23.67
CA LEU B 96 -0.79 -3.52 -23.14
C LEU B 96 -0.32 -2.56 -22.04
N CYS B 97 0.79 -2.87 -21.37
CA CYS B 97 1.06 -2.28 -20.07
C CYS B 97 2.51 -1.87 -19.89
N ASN B 98 3.23 -1.68 -21.00
CA ASN B 98 4.58 -1.11 -21.09
C ASN B 98 5.66 -2.05 -20.58
N VAL B 99 5.37 -3.35 -20.47
CA VAL B 99 6.43 -4.30 -20.12
C VAL B 99 7.42 -4.43 -21.28
N VAL B 100 6.93 -4.32 -22.52
CA VAL B 100 7.80 -4.16 -23.68
C VAL B 100 7.24 -3.00 -24.50
N ASN B 101 8.09 -2.43 -25.34
CA ASN B 101 7.69 -1.28 -26.14
C ASN B 101 6.59 -1.65 -27.14
N TYR B 102 5.63 -0.75 -27.31
CA TYR B 102 4.66 -0.74 -28.39
C TYR B 102 4.91 0.47 -29.28
N ARG B 103 5.01 0.26 -30.60
CA ARG B 103 5.16 1.36 -31.56
C ARG B 103 3.94 1.49 -32.46
N ASP B 104 3.52 2.73 -32.75
CA ASP B 104 2.48 2.97 -33.74
C ASP B 104 3.08 2.92 -35.14
N GLU B 105 2.25 3.14 -36.17
CA GLU B 105 2.75 3.04 -37.55
C GLU B 105 3.90 3.99 -37.79
N SER B 106 3.83 5.21 -37.23
CA SER B 106 4.96 6.13 -37.25
C SER B 106 6.23 5.50 -36.71
N GLY B 107 6.09 4.53 -35.81
CA GLY B 107 7.22 3.87 -35.17
C GLY B 107 7.64 4.47 -33.86
N LYS B 108 6.87 5.42 -33.31
CA LYS B 108 7.17 5.99 -32.01
C LYS B 108 6.73 5.02 -30.92
N VAL B 109 7.57 4.85 -29.90
CA VAL B 109 7.18 4.07 -28.71
C VAL B 109 6.09 4.81 -27.97
N LYS B 110 4.95 4.15 -27.79
CA LYS B 110 3.82 4.80 -27.13
C LYS B 110 3.68 4.41 -25.66
N ARG B 111 3.21 5.37 -24.86
CA ARG B 111 2.83 5.19 -23.46
C ARG B 111 1.44 4.61 -23.49
N ARG B 112 1.35 3.27 -23.34
CA ARG B 112 0.07 2.57 -23.44
C ARG B 112 -0.72 2.55 -22.16
N ASP B 113 -2.05 2.60 -22.32
CA ASP B 113 -2.97 2.53 -21.20
C ASP B 113 -3.87 1.31 -21.48
N ALA B 114 -3.48 0.18 -20.90
CA ALA B 114 -4.15 -1.11 -21.11
C ALA B 114 -5.68 -1.02 -21.08
N TYR B 115 -6.22 -0.29 -20.09
CA TYR B 115 -7.67 -0.24 -19.93
C TYR B 115 -8.32 0.43 -21.14
N THR B 116 -7.67 1.47 -21.66
CA THR B 116 -8.16 2.11 -22.87
C THR B 116 -8.08 1.15 -24.06
N VAL B 117 -6.94 0.47 -24.23
CA VAL B 117 -6.79 -0.47 -25.34
C VAL B 117 -7.92 -1.50 -25.35
N ILE B 118 -8.15 -2.16 -24.20
CA ILE B 118 -9.23 -3.15 -24.14
C ILE B 118 -10.62 -2.54 -24.26
N TYR B 119 -10.82 -1.31 -23.79
CA TYR B 119 -12.11 -0.65 -23.95
C TYR B 119 -12.37 -0.38 -25.43
N ASN B 120 -11.36 0.15 -26.14
CA ASN B 120 -11.56 0.37 -27.58
C ASN B 120 -11.83 -0.93 -28.31
N LYS B 121 -11.02 -1.97 -28.05
CA LYS B 121 -11.24 -3.25 -28.72
C LYS B 121 -12.65 -3.76 -28.47
N MET B 122 -13.19 -3.49 -27.29
CA MET B 122 -14.51 -3.98 -26.98
C MET B 122 -15.59 -3.19 -27.71
N LEU B 123 -15.46 -1.86 -27.79
CA LEU B 123 -16.42 -1.11 -28.59
C LEU B 123 -16.28 -1.48 -30.06
N ASN B 124 -15.05 -1.65 -30.52
CA ASN B 124 -14.81 -1.95 -31.93
C ASN B 124 -15.49 -3.26 -32.34
N THR B 125 -15.49 -4.27 -31.47
CA THR B 125 -16.10 -5.54 -31.84
C THR B 125 -17.56 -5.62 -31.40
N LEU B 126 -17.87 -5.06 -30.23
CA LEU B 126 -19.25 -5.03 -29.77
C LEU B 126 -20.11 -4.17 -30.70
N GLY B 127 -19.54 -3.09 -31.21
CA GLY B 127 -20.29 -2.28 -32.15
C GLY B 127 -21.63 -1.73 -31.74
N LYS B 128 -22.24 -1.06 -32.71
CA LYS B 128 -23.68 -0.86 -32.87
C LYS B 128 -24.37 -0.50 -31.55
N GLY B 129 -23.88 0.58 -30.94
CA GLY B 129 -24.53 1.17 -29.78
C GLY B 129 -24.03 0.73 -28.43
N ALA B 130 -22.83 0.17 -28.33
CA ALA B 130 -22.42 -0.52 -27.10
C ALA B 130 -22.63 0.32 -25.85
N ARG B 131 -23.54 -0.16 -25.01
CA ARG B 131 -23.96 0.50 -23.77
C ARG B 131 -22.95 0.18 -22.66
N ILE B 132 -21.76 0.78 -22.73
CA ILE B 132 -20.77 0.48 -21.71
C ILE B 132 -19.93 1.72 -21.42
N LYS B 133 -19.79 2.04 -20.14
CA LYS B 133 -19.03 3.21 -19.71
C LYS B 133 -17.56 2.86 -19.53
N ARG B 134 -16.70 3.78 -19.94
CA ARG B 134 -15.26 3.54 -20.01
C ARG B 134 -14.66 3.21 -18.65
N ASN B 135 -15.08 3.92 -17.61
CA ASN B 135 -14.53 3.71 -16.27
C ASN B 135 -15.08 2.44 -15.62
N ASP B 136 -16.32 2.07 -15.91
CA ASP B 136 -16.86 0.81 -15.41
C ASP B 136 -16.09 -0.36 -16.01
N CYS B 137 -15.59 -0.18 -17.23
CA CYS B 137 -14.84 -1.21 -17.91
C CYS B 137 -13.48 -1.40 -17.26
N LYS B 138 -12.82 -0.30 -16.90
CA LYS B 138 -11.53 -0.40 -16.20
C LYS B 138 -11.70 -1.16 -14.89
N GLN B 139 -12.77 -0.87 -14.14
CA GLN B 139 -13.07 -1.61 -12.92
C GLN B 139 -13.19 -3.11 -13.20
N ALA B 140 -13.96 -3.46 -14.24
CA ALA B 140 -14.17 -4.84 -14.62
C ALA B 140 -12.85 -5.49 -15.03
N ILE B 141 -12.03 -4.76 -15.79
CA ILE B 141 -10.76 -5.32 -16.23
C ILE B 141 -9.88 -5.59 -15.01
N MET B 142 -9.64 -4.55 -14.21
CA MET B 142 -8.67 -4.69 -13.14
C MET B 142 -9.14 -5.64 -12.06
N THR B 143 -10.45 -5.70 -11.77
CA THR B 143 -10.88 -6.70 -10.79
C THR B 143 -10.77 -8.10 -11.37
N ALA B 144 -11.02 -8.25 -12.68
CA ALA B 144 -10.91 -9.58 -13.33
C ALA B 144 -9.48 -10.08 -13.28
N LEU B 145 -8.52 -9.20 -13.62
CA LEU B 145 -7.11 -9.58 -13.60
C LEU B 145 -6.61 -10.01 -12.24
N TYR B 146 -7.30 -9.62 -11.18
CA TYR B 146 -6.99 -10.06 -9.81
C TYR B 146 -7.88 -11.21 -9.38
N GLY B 147 -8.69 -11.74 -10.30
CA GLY B 147 -9.48 -12.93 -10.08
C GLY B 147 -10.96 -12.73 -9.80
N SER B 148 -11.46 -11.49 -9.84
CA SER B 148 -12.89 -11.26 -9.59
C SER B 148 -13.78 -11.73 -10.73
N GLU B 149 -14.83 -12.47 -10.37
CA GLU B 149 -15.89 -12.82 -11.31
C GLU B 149 -17.17 -12.04 -11.07
N ALA B 150 -17.34 -11.44 -9.90
CA ALA B 150 -18.58 -10.77 -9.51
C ALA B 150 -18.74 -9.41 -10.18
N LYS B 151 -17.65 -8.67 -10.33
CA LYS B 151 -17.60 -7.32 -10.86
C LYS B 151 -17.76 -7.29 -12.37
N PRO B 152 -17.15 -8.20 -13.14
CA PRO B 152 -17.52 -8.25 -14.56
C PRO B 152 -18.95 -8.68 -14.80
N LYS B 153 -19.51 -9.57 -13.99
CA LYS B 153 -20.93 -9.94 -14.12
C LYS B 153 -21.83 -8.73 -13.88
N GLU B 154 -21.33 -7.70 -13.18
CA GLU B 154 -22.14 -6.54 -12.83
C GLU B 154 -22.02 -5.44 -13.88
N VAL B 155 -20.86 -5.34 -14.53
CA VAL B 155 -20.64 -4.30 -15.53
C VAL B 155 -21.09 -4.79 -16.90
N PHE B 156 -21.02 -6.09 -17.16
CA PHE B 156 -21.26 -6.63 -18.48
C PHE B 156 -22.45 -7.58 -18.52
N GLY B 157 -23.16 -7.79 -17.42
CA GLY B 157 -24.20 -8.78 -17.36
C GLY B 157 -23.61 -10.18 -17.47
N GLU B 158 -24.48 -11.15 -17.73
CA GLU B 158 -24.06 -12.54 -17.91
C GLU B 158 -24.37 -13.06 -19.31
N GLY B 159 -24.54 -12.17 -20.28
CA GLY B 159 -24.92 -12.60 -21.61
C GLY B 159 -23.81 -12.43 -22.62
N ILE B 160 -24.19 -11.88 -23.78
CA ILE B 160 -23.28 -11.76 -24.91
C ILE B 160 -22.20 -10.73 -24.60
N MET B 161 -22.53 -9.72 -23.79
CA MET B 161 -21.55 -8.70 -23.45
C MET B 161 -20.42 -9.32 -22.64
N LEU B 162 -20.78 -10.15 -21.66
CA LEU B 162 -19.76 -10.89 -20.89
C LEU B 162 -18.96 -11.77 -21.83
N ASN B 163 -19.64 -12.46 -22.72
CA ASN B 163 -18.95 -13.30 -23.68
C ASN B 163 -17.92 -12.51 -24.48
N VAL B 164 -18.30 -11.33 -24.98
CA VAL B 164 -17.35 -10.50 -25.73
C VAL B 164 -16.21 -10.04 -24.85
N PHE B 165 -16.48 -9.70 -23.59
CA PHE B 165 -15.40 -9.29 -22.71
C PHE B 165 -14.38 -10.42 -22.53
N GLU B 166 -14.85 -11.65 -22.28
CA GLU B 166 -13.88 -12.72 -22.10
C GLU B 166 -13.15 -13.07 -23.38
N SER B 167 -13.82 -12.98 -24.52
CA SER B 167 -13.14 -13.25 -25.79
C SER B 167 -12.06 -12.21 -26.03
N THR B 168 -12.38 -10.94 -25.78
CA THR B 168 -11.38 -9.88 -25.93
C THR B 168 -10.15 -10.10 -25.07
N MET B 169 -10.35 -10.44 -23.78
CA MET B 169 -9.22 -10.66 -22.88
C MET B 169 -8.36 -11.82 -23.35
N ASN B 170 -8.98 -12.84 -23.91
CA ASN B 170 -8.21 -14.00 -24.33
C ASN B 170 -7.40 -13.72 -25.59
N VAL B 171 -7.79 -12.76 -26.43
CA VAL B 171 -6.88 -12.42 -27.53
C VAL B 171 -5.81 -11.44 -27.05
N GLU B 172 -6.18 -10.47 -26.21
CA GLU B 172 -5.23 -9.44 -25.79
C GLU B 172 -4.21 -9.92 -24.75
N ALA B 173 -4.51 -10.99 -24.00
CA ALA B 173 -3.57 -11.45 -22.99
C ALA B 173 -3.83 -12.93 -22.71
N PRO B 174 -3.54 -13.80 -23.68
CA PRO B 174 -3.97 -15.21 -23.54
C PRO B 174 -3.45 -15.94 -22.32
N ALA B 175 -2.13 -15.88 -22.09
CA ALA B 175 -1.51 -16.61 -20.97
C ALA B 175 -1.89 -15.99 -19.64
N VAL B 176 -1.90 -14.66 -19.56
CA VAL B 176 -2.38 -14.00 -18.35
C VAL B 176 -3.78 -14.50 -18.03
N TRP B 177 -4.66 -14.48 -19.03
CA TRP B 177 -6.04 -14.89 -18.79
C TRP B 177 -6.15 -16.37 -18.46
N GLU B 178 -5.40 -17.23 -19.15
CA GLU B 178 -5.40 -18.67 -18.82
C GLU B 178 -4.95 -18.92 -17.39
N LEU B 179 -3.92 -18.19 -16.93
CA LEU B 179 -3.41 -18.38 -15.59
C LEU B 179 -4.45 -17.97 -14.56
N ASN B 180 -5.15 -16.87 -14.83
CA ASN B 180 -6.18 -16.44 -13.90
C ASN B 180 -7.26 -17.51 -13.80
N LYS B 181 -7.72 -18.02 -14.93
CA LYS B 181 -8.57 -19.21 -15.00
C LYS B 181 -8.04 -20.27 -14.07
N PHE B 182 -6.77 -20.62 -14.22
CA PHE B 182 -6.15 -21.69 -13.45
C PHE B 182 -6.16 -21.43 -11.93
N TRP B 183 -5.79 -20.20 -11.50
CA TRP B 183 -5.76 -19.93 -10.06
C TRP B 183 -7.05 -20.34 -9.35
N LEU B 184 -8.21 -20.10 -10.00
CA LEU B 184 -9.50 -20.52 -9.47
C LEU B 184 -9.54 -22.00 -9.09
N GLN B 185 -8.90 -22.85 -9.88
CA GLN B 185 -8.97 -24.28 -9.62
C GLN B 185 -7.82 -24.77 -8.73
N CYS B 186 -7.19 -23.89 -7.95
CA CYS B 186 -6.00 -24.26 -7.18
C CYS B 186 -6.23 -24.29 -5.69
N GLY B 187 -7.41 -23.90 -5.22
CA GLY B 187 -7.74 -24.00 -3.82
C GLY B 187 -7.82 -25.45 -3.35
N ASN B 188 -7.51 -25.63 -2.08
CA ASN B 188 -7.64 -26.88 -1.38
C ASN B 188 -8.82 -26.78 -0.42
N PRO B 189 -9.86 -27.60 -0.63
CA PRO B 189 -11.06 -27.52 0.21
C PRO B 189 -10.81 -27.90 1.65
N GLU B 190 -9.67 -28.47 1.97
CA GLU B 190 -9.34 -28.87 3.33
C GLU B 190 -8.49 -27.84 4.06
N ALA B 191 -8.03 -26.80 3.38
CA ALA B 191 -7.02 -25.92 3.92
C ALA B 191 -7.63 -24.80 4.75
N PHE B 192 -7.06 -24.58 5.92
CA PHE B 192 -7.40 -23.48 6.80
C PHE B 192 -6.50 -22.28 6.53
N VAL B 193 -5.42 -22.49 5.79
CA VAL B 193 -4.39 -21.49 5.58
C VAL B 193 -3.54 -21.91 4.39
N TYR B 194 -3.09 -20.92 3.61
CA TYR B 194 -2.15 -21.09 2.50
C TYR B 194 -0.85 -20.41 2.91
N HIS B 195 0.29 -20.98 2.50
CA HIS B 195 1.60 -20.43 2.86
C HIS B 195 2.58 -20.50 1.69
N TRP B 196 3.28 -19.40 1.41
CA TRP B 196 4.41 -19.45 0.48
C TRP B 196 5.46 -18.44 0.88
N VAL B 197 6.70 -18.73 0.48
CA VAL B 197 7.87 -17.92 0.77
C VAL B 197 8.29 -17.23 -0.52
N MET B 198 8.58 -15.95 -0.43
CA MET B 198 9.07 -15.21 -1.57
C MET B 198 10.58 -15.44 -1.72
N PRO B 199 11.18 -15.11 -2.87
CA PRO B 199 12.60 -15.40 -3.01
C PRO B 199 13.50 -14.54 -2.13
N ASP B 200 12.98 -13.53 -1.43
CA ASP B 200 13.82 -12.78 -0.51
C ASP B 200 13.55 -13.18 0.92
N GLY B 201 12.77 -14.24 1.11
CA GLY B 201 12.56 -14.87 2.41
C GLY B 201 11.28 -14.45 3.10
N PHE B 202 10.51 -13.54 2.53
CA PHE B 202 9.26 -13.13 3.16
C PHE B 202 8.29 -14.31 3.16
N ASN B 203 7.76 -14.63 4.34
CA ASN B 203 6.77 -15.71 4.51
C ASN B 203 5.35 -15.15 4.42
N VAL B 204 4.59 -15.59 3.43
CA VAL B 204 3.19 -15.21 3.26
C VAL B 204 2.29 -16.27 3.85
N TYR B 205 1.44 -15.85 4.80
CA TYR B 205 0.39 -16.68 5.37
C TYR B 205 -0.97 -16.04 5.12
N ILE B 206 -1.86 -16.77 4.43
CA ILE B 206 -3.23 -16.34 4.18
C ILE B 206 -4.15 -17.30 4.94
N LYS B 207 -4.75 -16.81 6.02
CA LYS B 207 -5.74 -17.60 6.74
C LYS B 207 -7.05 -17.59 5.98
N VAL B 208 -7.69 -18.74 5.83
CA VAL B 208 -8.95 -18.82 5.12
C VAL B 208 -10.05 -18.41 6.10
N MET B 209 -10.72 -17.29 5.81
CA MET B 209 -11.76 -16.72 6.68
C MET B 209 -13.11 -16.72 5.98
N VAL B 210 -14.09 -17.39 6.58
CA VAL B 210 -15.42 -17.62 6.01
C VAL B 210 -16.50 -16.94 6.86
N ASN B 211 -17.59 -16.50 6.21
CA ASN B 211 -18.76 -15.90 6.86
C ASN B 211 -19.54 -16.88 7.74
N GLU B 212 -19.74 -16.52 9.01
CA GLU B 212 -20.66 -17.19 9.92
C GLU B 212 -21.81 -16.21 10.19
N VAL B 213 -23.05 -16.56 9.84
CA VAL B 213 -24.18 -15.64 9.99
C VAL B 213 -25.13 -16.10 11.09
N GLU B 214 -25.12 -15.38 12.22
CA GLU B 214 -26.13 -15.60 13.26
C GLU B 214 -27.32 -14.68 13.02
N THR B 215 -28.52 -15.23 13.06
CA THR B 215 -29.71 -14.44 12.84
C THR B 215 -30.31 -14.10 14.20
N VAL B 216 -30.87 -12.90 14.31
CA VAL B 216 -31.27 -12.35 15.59
C VAL B 216 -32.61 -11.65 15.41
N HIS B 217 -33.40 -11.66 16.47
CA HIS B 217 -34.68 -10.94 16.49
C HIS B 217 -34.57 -9.78 17.47
N PHE B 218 -35.00 -8.61 17.03
CA PHE B 218 -34.98 -7.38 17.84
C PHE B 218 -36.25 -6.61 17.52
N LEU B 219 -37.21 -6.63 18.43
CA LEU B 219 -38.58 -6.13 18.18
C LEU B 219 -39.31 -6.99 17.15
N ASP B 220 -39.12 -8.31 17.26
CA ASP B 220 -39.76 -9.29 16.40
C ASP B 220 -39.51 -9.05 14.91
N LYS B 221 -38.48 -8.27 14.56
CA LYS B 221 -38.00 -8.15 13.19
C LYS B 221 -36.63 -8.81 13.03
N PRO B 222 -36.34 -9.47 11.90
CA PRO B 222 -35.08 -10.22 11.75
C PRO B 222 -33.90 -9.41 11.23
N TYR B 223 -32.72 -9.68 11.82
CA TYR B 223 -31.44 -9.06 11.45
C TYR B 223 -30.37 -10.13 11.35
N ASP B 224 -29.60 -10.10 10.26
CA ASP B 224 -28.52 -11.05 10.01
C ASP B 224 -27.19 -10.49 10.51
N CYS B 225 -26.52 -11.24 11.40
CA CYS B 225 -25.28 -10.80 12.07
C CYS B 225 -24.11 -11.64 11.57
N VAL B 226 -23.34 -11.10 10.63
CA VAL B 226 -22.29 -11.82 9.92
C VAL B 226 -20.93 -11.51 10.53
N ARG B 227 -20.18 -12.54 10.95
CA ARG B 227 -18.81 -12.37 11.44
C ARG B 227 -17.82 -13.32 10.77
N LYS B 228 -16.72 -12.76 10.25
CA LYS B 228 -15.63 -13.55 9.67
C LYS B 228 -15.06 -14.56 10.67
N VAL B 229 -15.04 -15.85 10.29
CA VAL B 229 -14.45 -16.91 11.12
C VAL B 229 -13.47 -17.73 10.29
N GLN B 230 -12.42 -18.25 10.92
CA GLN B 230 -11.51 -19.15 10.21
C GLN B 230 -12.20 -20.46 9.84
N GLY B 231 -11.99 -20.92 8.62
CA GLY B 231 -12.62 -22.13 8.15
C GLY B 231 -12.02 -22.61 6.83
N THR B 232 -12.83 -23.37 6.09
CA THR B 232 -12.43 -23.86 4.78
C THR B 232 -13.50 -23.45 3.77
N GLU B 233 -13.24 -23.75 2.50
CA GLU B 233 -14.18 -23.41 1.44
C GLU B 233 -13.87 -24.30 0.24
N GLU B 234 -14.91 -24.62 -0.53
CA GLU B 234 -14.78 -25.55 -1.65
C GLU B 234 -13.95 -24.96 -2.79
N LYS B 235 -14.37 -23.81 -3.31
CA LYS B 235 -13.55 -23.03 -4.23
C LYS B 235 -12.84 -21.93 -3.45
N THR B 236 -11.90 -21.25 -4.09
CA THR B 236 -11.42 -19.98 -3.55
C THR B 236 -10.99 -19.05 -4.65
N ARG B 237 -11.36 -17.78 -4.51
CA ARG B 237 -11.13 -16.78 -5.54
C ARG B 237 -9.99 -15.83 -5.20
N MET B 238 -9.25 -16.10 -4.14
CA MET B 238 -8.26 -15.16 -3.59
C MET B 238 -6.84 -15.35 -4.10
N LEU B 239 -6.51 -16.51 -4.70
CA LEU B 239 -5.10 -16.85 -4.89
C LEU B 239 -4.43 -15.95 -5.90
N SER B 240 -5.14 -15.57 -6.97
CA SER B 240 -4.48 -14.72 -7.97
C SER B 240 -4.08 -13.38 -7.35
N ALA B 241 -4.99 -12.76 -6.60
CA ALA B 241 -4.72 -11.45 -6.01
C ALA B 241 -3.59 -11.55 -4.97
N ASN B 242 -3.70 -12.51 -4.06
CA ASN B 242 -2.68 -12.59 -3.03
C ASN B 242 -1.31 -12.93 -3.59
N THR B 243 -1.23 -13.86 -4.54
CA THR B 243 0.08 -14.15 -5.11
C THR B 243 0.62 -12.93 -5.85
N THR B 244 -0.20 -12.34 -6.75
CA THR B 244 0.27 -11.14 -7.45
C THR B 244 0.65 -10.00 -6.51
N HIS B 245 -0.15 -9.74 -5.46
CA HIS B 245 0.24 -8.67 -4.56
C HIS B 245 1.51 -9.01 -3.79
N SER B 246 1.75 -10.29 -3.48
CA SER B 246 2.99 -10.62 -2.79
C SER B 246 4.16 -10.31 -3.70
N ILE B 247 3.95 -10.40 -5.02
CA ILE B 247 5.06 -10.15 -5.93
C ILE B 247 5.29 -8.64 -6.04
N ASP B 248 4.24 -7.82 -6.11
CA ASP B 248 4.57 -6.39 -6.10
C ASP B 248 5.18 -5.99 -4.75
N GLY B 249 4.77 -6.66 -3.67
CA GLY B 249 5.45 -6.45 -2.38
C GLY B 249 6.94 -6.72 -2.46
N LEU B 250 7.30 -7.86 -3.06
CA LEU B 250 8.69 -8.20 -3.30
C LEU B 250 9.38 -7.16 -4.16
N VAL B 251 8.74 -6.72 -5.26
CA VAL B 251 9.39 -5.73 -6.11
C VAL B 251 9.67 -4.46 -5.32
N VAL B 252 8.74 -4.04 -4.43
CA VAL B 252 9.01 -2.88 -3.58
C VAL B 252 10.23 -3.14 -2.68
N ARG B 253 10.22 -4.25 -1.93
CA ARG B 253 11.36 -4.50 -1.04
C ARG B 253 12.69 -4.52 -1.78
N GLU B 254 12.73 -5.23 -2.91
CA GLU B 254 14.01 -5.40 -3.59
C GLU B 254 14.47 -4.12 -4.29
N LEU B 255 13.55 -3.38 -4.91
CA LEU B 255 13.92 -2.09 -5.48
C LEU B 255 14.52 -1.19 -4.42
N VAL B 256 13.94 -1.20 -3.22
CA VAL B 256 14.49 -0.33 -2.19
C VAL B 256 15.85 -0.86 -1.72
N ARG B 257 16.05 -2.19 -1.69
CA ARG B 257 17.37 -2.72 -1.33
C ARG B 257 18.42 -2.30 -2.34
N ARG B 258 18.06 -2.28 -3.63
CA ARG B 258 19.02 -1.98 -4.66
C ARG B 258 19.30 -0.50 -4.82
N CYS B 259 18.37 0.36 -4.41
CA CYS B 259 18.54 1.79 -4.55
C CYS B 259 19.12 2.43 -3.29
N ASP B 260 18.54 2.09 -2.14
CA ASP B 260 18.92 2.75 -0.89
C ASP B 260 19.90 1.87 -0.12
N TYR B 261 21.07 1.66 -0.70
CA TYR B 261 21.98 0.67 -0.15
C TYR B 261 23.04 1.34 0.72
N ASP B 262 23.70 0.54 1.54
CA ASP B 262 24.77 1.02 2.43
C ASP B 262 26.10 0.88 1.70
N LYS B 263 26.72 2.02 1.36
CA LYS B 263 27.90 1.97 0.49
C LYS B 263 29.04 1.21 1.15
N ASN B 264 29.18 1.32 2.47
CA ASN B 264 30.23 0.57 3.17
C ASN B 264 29.97 -0.94 3.13
N GLN B 265 28.72 -1.36 3.23
CA GLN B 265 28.40 -2.76 3.05
C GLN B 265 28.75 -3.22 1.65
N ILE B 266 28.40 -2.43 0.64
CA ILE B 266 28.67 -2.85 -0.74
C ILE B 266 30.16 -3.12 -0.92
N GLU B 267 30.99 -2.21 -0.43
CA GLU B 267 32.42 -2.36 -0.61
C GLU B 267 32.96 -3.57 0.15
N TYR B 268 32.42 -3.85 1.34
CA TYR B 268 32.77 -5.10 2.02
C TYR B 268 32.45 -6.34 1.18
N ILE B 269 31.24 -6.41 0.61
CA ILE B 269 30.87 -7.59 -0.18
C ILE B 269 31.80 -7.71 -1.38
N LYS B 270 32.18 -6.57 -1.96
CA LYS B 270 33.10 -6.58 -3.10
C LYS B 270 34.46 -7.14 -2.69
N ALA B 271 34.97 -6.72 -1.52
CA ALA B 271 36.23 -7.27 -1.03
C ALA B 271 36.06 -8.75 -0.73
N LEU B 272 34.96 -9.11 -0.04
CA LEU B 272 34.68 -10.50 0.28
C LEU B 272 34.70 -11.36 -0.96
N CYS B 273 34.07 -10.89 -2.03
CA CYS B 273 34.02 -11.63 -3.28
C CYS B 273 35.39 -11.77 -3.93
N ASN B 274 36.31 -10.82 -3.69
CA ASN B 274 37.64 -10.84 -4.31
C ASN B 274 38.70 -11.37 -3.36
N GLY B 275 38.30 -12.07 -2.30
CA GLY B 275 39.23 -12.66 -1.36
C GLY B 275 40.03 -11.70 -0.51
N GLU B 276 39.58 -10.44 -0.38
CA GLU B 276 40.35 -9.42 0.32
C GLU B 276 39.74 -9.01 1.65
N ALA B 277 38.75 -9.73 2.18
CA ALA B 277 38.13 -9.31 3.42
C ALA B 277 38.82 -9.97 4.61
N GLU B 278 38.98 -9.22 5.69
CA GLU B 278 39.48 -9.82 6.91
C GLU B 278 38.53 -10.91 7.36
N TYR B 279 39.08 -11.99 7.90
CA TYR B 279 38.26 -13.14 8.25
C TYR B 279 37.15 -12.76 9.23
N LYS B 280 35.92 -13.14 8.91
CA LYS B 280 34.74 -12.86 9.74
C LYS B 280 33.71 -13.93 9.44
N ALA B 281 33.17 -14.52 10.50
CA ALA B 281 32.24 -15.63 10.30
C ALA B 281 31.29 -15.75 11.48
N SER B 282 30.02 -16.02 11.16
CA SER B 282 29.02 -16.35 12.16
C SER B 282 28.21 -17.54 11.68
N GLU B 283 28.11 -18.57 12.52
CA GLU B 283 27.40 -19.79 12.13
C GLU B 283 25.93 -19.51 11.82
N LYS B 284 25.36 -18.46 12.43
CA LYS B 284 23.96 -18.13 12.24
C LYS B 284 23.68 -17.61 10.84
N ASN B 285 24.71 -17.10 10.15
CA ASN B 285 24.55 -16.62 8.79
C ASN B 285 24.31 -17.73 7.78
N TYR B 286 24.73 -18.96 8.08
CA TYR B 286 24.77 -20.02 7.07
C TYR B 286 23.36 -20.39 6.58
N GLY B 287 22.43 -20.66 7.51
CA GLY B 287 21.09 -21.07 7.12
C GLY B 287 20.44 -20.13 6.13
N LYS B 288 20.42 -18.82 6.47
CA LYS B 288 19.81 -17.79 5.65
C LYS B 288 20.56 -17.59 4.34
N ALA B 289 21.90 -17.60 4.38
CA ALA B 289 22.65 -17.51 3.13
C ALA B 289 22.29 -18.67 2.17
N MET B 290 22.18 -19.87 2.72
CA MET B 290 21.83 -21.04 1.92
C MET B 290 20.40 -20.90 1.40
N GLU B 291 19.47 -20.49 2.26
CA GLU B 291 18.06 -20.40 1.88
C GLU B 291 17.89 -19.42 0.71
N LEU B 292 18.48 -18.22 0.82
CA LEU B 292 18.31 -17.20 -0.20
C LEU B 292 19.02 -17.60 -1.48
N TRP B 293 20.20 -18.25 -1.37
CA TRP B 293 20.88 -18.66 -2.60
C TRP B 293 20.07 -19.70 -3.32
N GLY B 294 19.47 -20.62 -2.55
CA GLY B 294 18.60 -21.63 -3.14
C GLY B 294 17.45 -21.01 -3.92
N TYR B 295 16.82 -19.97 -3.36
CA TYR B 295 15.70 -19.35 -4.07
C TYR B 295 16.19 -18.77 -5.39
N TYR B 296 17.40 -18.24 -5.40
CA TYR B 296 17.95 -17.72 -6.65
C TYR B 296 18.07 -18.85 -7.65
N GLU B 297 18.66 -19.97 -7.23
CA GLU B 297 18.80 -21.11 -8.12
C GLU B 297 17.45 -21.55 -8.69
N LYS B 298 16.40 -21.63 -7.84
CA LYS B 298 15.12 -22.13 -8.31
C LYS B 298 14.31 -21.10 -9.10
N THR B 299 14.70 -19.83 -9.12
CA THR B 299 13.77 -18.78 -9.56
C THR B 299 14.44 -17.76 -10.45
N GLY B 300 15.74 -17.52 -10.30
CA GLY B 300 16.40 -16.50 -11.06
C GLY B 300 16.42 -15.16 -10.36
N PHE B 301 15.69 -15.03 -9.25
CA PHE B 301 15.58 -13.81 -8.48
C PHE B 301 16.61 -13.82 -7.37
N LEU B 302 17.75 -13.17 -7.60
CA LEU B 302 18.78 -13.02 -6.57
C LEU B 302 18.49 -11.75 -5.78
N THR B 303 18.22 -11.88 -4.49
CA THR B 303 17.95 -10.69 -3.70
C THR B 303 19.21 -10.09 -3.08
N ALA B 304 19.31 -8.76 -3.18
CA ALA B 304 20.41 -8.05 -2.54
C ALA B 304 20.37 -8.21 -1.04
N ARG B 305 19.27 -8.72 -0.49
CA ARG B 305 19.24 -9.00 0.94
C ARG B 305 20.37 -9.93 1.34
N ILE B 306 20.87 -10.75 0.41
CA ILE B 306 21.86 -11.77 0.77
C ILE B 306 23.14 -11.12 1.29
N PHE B 307 23.44 -9.88 0.86
CA PHE B 307 24.59 -9.17 1.37
C PHE B 307 24.64 -9.21 2.90
N ASP B 308 23.49 -9.18 3.55
CA ASP B 308 23.40 -9.24 5.01
C ASP B 308 23.96 -10.52 5.58
N TYR B 309 24.07 -11.59 4.79
CA TYR B 309 24.45 -12.86 5.38
C TYR B 309 25.73 -13.44 4.80
N LEU B 310 26.43 -12.71 3.93
CA LEU B 310 27.68 -13.15 3.34
C LEU B 310 28.88 -12.84 4.24
N ASP B 311 29.65 -13.86 4.60
CA ASP B 311 30.89 -13.68 5.35
C ASP B 311 31.95 -14.64 4.82
N SER B 312 33.10 -14.69 5.50
CA SER B 312 34.26 -15.47 5.02
C SER B 312 33.91 -16.92 4.73
N GLU B 313 33.05 -17.52 5.54
CA GLU B 313 32.63 -18.90 5.35
C GLU B 313 31.44 -19.05 4.40
N THR B 314 30.53 -18.10 4.46
CA THR B 314 29.26 -18.19 3.74
C THR B 314 29.43 -17.83 2.26
N ILE B 315 30.41 -16.98 1.93
CA ILE B 315 30.68 -16.64 0.53
C ILE B 315 31.05 -17.89 -0.25
N LYS B 316 31.48 -18.94 0.46
CA LYS B 316 31.89 -20.18 -0.18
C LYS B 316 30.73 -20.93 -0.79
N LEU B 317 29.51 -20.72 -0.31
CA LEU B 317 28.41 -21.46 -0.88
C LEU B 317 27.78 -20.77 -2.08
N VAL B 318 28.14 -19.52 -2.37
CA VAL B 318 27.58 -18.79 -3.50
C VAL B 318 28.61 -18.67 -4.62
N ASN B 319 28.12 -18.33 -5.80
CA ASN B 319 28.94 -18.00 -6.96
C ASN B 319 29.30 -16.52 -6.86
N THR B 320 30.56 -16.22 -6.57
CA THR B 320 30.97 -14.83 -6.34
C THR B 320 30.74 -13.93 -7.57
N GLN B 321 30.73 -14.49 -8.77
CA GLN B 321 30.52 -13.62 -9.92
C GLN B 321 29.08 -13.12 -10.00
N ASP B 322 28.12 -13.93 -9.59
CA ASP B 322 26.74 -13.48 -9.59
C ASP B 322 26.54 -12.36 -8.56
N ILE B 323 27.18 -12.49 -7.40
CA ILE B 323 27.13 -11.42 -6.39
C ILE B 323 27.73 -10.13 -6.92
N LEU B 324 28.90 -10.22 -7.53
CA LEU B 324 29.53 -9.06 -8.15
C LEU B 324 28.68 -8.49 -9.31
N ASP B 325 28.07 -9.35 -10.13
CA ASP B 325 27.22 -8.87 -11.22
C ASP B 325 26.03 -8.06 -10.71
N LEU B 326 25.39 -8.55 -9.64
CA LEU B 326 24.27 -7.83 -9.04
C LEU B 326 24.70 -6.45 -8.56
N ILE B 327 25.78 -6.40 -7.75
CA ILE B 327 26.31 -5.11 -7.29
C ILE B 327 26.62 -4.18 -8.46
N GLU B 328 27.19 -4.72 -9.54
CA GLU B 328 27.54 -3.87 -10.67
C GLU B 328 26.29 -3.32 -11.38
N SER B 329 25.13 -3.99 -11.24
CA SER B 329 23.89 -3.53 -11.87
C SER B 329 23.14 -2.48 -11.07
N MET B 330 23.63 -2.12 -9.86
CA MET B 330 22.95 -1.20 -8.95
C MET B 330 23.36 0.23 -9.26
N PRO B 331 22.63 1.22 -8.75
CA PRO B 331 23.01 2.61 -9.01
C PRO B 331 24.37 2.95 -8.41
N LYS B 332 25.08 3.84 -9.09
CA LYS B 332 26.43 4.15 -8.65
C LYS B 332 26.44 4.97 -7.37
N LYS B 333 25.37 5.72 -7.11
CA LYS B 333 25.17 6.39 -5.82
C LYS B 333 23.82 6.02 -5.23
N PRO B 334 23.77 5.67 -3.96
CA PRO B 334 22.51 5.24 -3.35
C PRO B 334 21.53 6.39 -3.16
N PHE B 335 20.24 6.04 -3.04
CA PHE B 335 19.23 7.09 -2.79
C PHE B 335 18.00 6.53 -2.09
N HIS B 336 17.29 7.43 -1.41
CA HIS B 336 16.07 7.06 -0.72
C HIS B 336 14.92 6.94 -1.71
N VAL B 337 14.02 6.00 -1.45
CA VAL B 337 12.85 5.77 -2.28
C VAL B 337 11.62 5.64 -1.38
N LEU B 338 10.57 6.40 -1.68
CA LEU B 338 9.30 6.28 -0.98
C LEU B 338 8.39 5.50 -1.91
N THR B 339 7.58 4.61 -1.36
CA THR B 339 6.78 3.73 -2.21
C THR B 339 5.35 3.69 -1.71
N VAL B 340 4.42 3.74 -2.64
CA VAL B 340 3.02 3.55 -2.37
C VAL B 340 2.56 2.36 -3.19
N HIS B 341 3.12 1.18 -2.85
CA HIS B 341 2.84 -0.16 -3.41
C HIS B 341 3.26 -0.32 -4.85
N ASP B 342 2.83 0.60 -5.73
CA ASP B 342 3.29 0.54 -7.12
C ASP B 342 3.54 1.93 -7.68
N CYS B 343 3.60 2.93 -6.80
CA CYS B 343 4.10 4.29 -7.03
C CYS B 343 5.49 4.41 -6.39
N PHE B 344 6.40 5.10 -7.06
CA PHE B 344 7.76 5.24 -6.57
C PHE B 344 8.20 6.69 -6.59
N ARG B 345 8.78 7.16 -5.48
CA ARG B 345 9.21 8.55 -5.40
C ARG B 345 10.68 8.66 -4.99
N CYS B 346 11.41 9.52 -5.69
CA CYS B 346 12.81 9.78 -5.37
C CYS B 346 13.18 11.19 -5.83
N LEU B 347 14.32 11.69 -5.35
CA LEU B 347 14.88 12.92 -5.89
C LEU B 347 15.01 12.79 -7.42
N PRO B 348 14.76 13.85 -8.19
CA PRO B 348 14.68 13.67 -9.66
C PRO B 348 16.03 13.33 -10.29
N ASN B 349 17.13 13.58 -9.61
CA ASN B 349 18.43 13.22 -10.16
C ASN B 349 18.70 11.73 -10.01
N TYR B 350 17.69 10.93 -9.62
CA TYR B 350 17.81 9.49 -9.61
C TYR B 350 16.72 8.82 -10.45
N GLY B 351 15.83 9.61 -11.07
CA GLY B 351 14.87 9.13 -12.05
C GLY B 351 15.33 8.03 -12.98
N ASN B 352 16.46 8.27 -13.67
CA ASN B 352 17.02 7.25 -14.57
C ASN B 352 17.31 5.95 -13.81
N ASP B 353 17.92 6.08 -12.63
CA ASP B 353 18.28 4.90 -11.86
C ASP B 353 17.02 4.13 -11.44
N ILE B 354 15.97 4.82 -11.03
CA ILE B 354 14.84 4.09 -10.48
C ILE B 354 14.13 3.33 -11.59
N ARG B 355 14.13 3.89 -12.80
CA ARG B 355 13.50 3.21 -13.92
C ARG B 355 14.34 2.03 -14.39
N ARG B 356 15.66 2.19 -14.41
CA ARG B 356 16.55 1.06 -14.70
C ARG B 356 16.34 -0.07 -13.69
N GLN B 357 16.17 0.26 -12.41
CA GLN B 357 16.00 -0.80 -11.41
C GLN B 357 14.63 -1.47 -11.52
N TYR B 358 13.59 -0.70 -11.84
CA TYR B 358 12.29 -1.34 -12.04
C TYR B 358 12.32 -2.29 -13.24
N ASN B 359 12.79 -1.81 -14.41
CA ASN B 359 13.03 -2.67 -15.57
C ASN B 359 13.78 -3.95 -15.22
N ASN B 360 14.93 -3.85 -14.52
CA ASN B 360 15.67 -5.06 -14.16
C ASN B 360 14.84 -6.07 -13.38
N LEU B 361 13.96 -5.58 -12.49
CA LEU B 361 13.18 -6.49 -11.66
C LEU B 361 12.10 -7.20 -12.49
N LEU B 362 11.35 -6.43 -13.30
CA LEU B 362 10.40 -7.02 -14.24
C LEU B 362 11.09 -8.06 -15.14
N ALA B 363 12.27 -7.69 -15.70
CA ALA B 363 12.97 -8.62 -16.58
C ALA B 363 13.38 -9.88 -15.84
N THR B 364 13.81 -9.76 -14.58
CA THR B 364 14.13 -10.94 -13.78
C THR B 364 12.91 -11.85 -13.63
N ILE B 365 11.75 -11.25 -13.33
CA ILE B 365 10.54 -12.06 -13.17
C ILE B 365 10.18 -12.70 -14.50
N ALA B 366 10.28 -11.94 -15.59
CA ALA B 366 10.01 -12.49 -16.91
C ALA B 366 10.94 -13.64 -17.25
N LYS B 367 12.24 -13.46 -17.04
CA LYS B 367 13.18 -14.51 -17.40
C LYS B 367 13.01 -15.79 -16.61
N GLY B 368 12.67 -15.69 -15.33
CA GLY B 368 12.80 -16.82 -14.43
C GLY B 368 11.51 -17.55 -14.11
N ASP B 369 11.59 -18.35 -13.06
CA ASP B 369 10.57 -19.36 -12.79
C ASP B 369 9.85 -19.10 -11.47
N LEU B 370 9.62 -17.83 -11.12
CA LEU B 370 8.98 -17.49 -9.84
C LEU B 370 7.58 -18.06 -9.75
N LEU B 371 6.87 -18.13 -10.88
CA LEU B 371 5.48 -18.55 -10.85
C LEU B 371 5.36 -20.01 -10.41
N SER B 372 6.12 -20.91 -11.07
CA SER B 372 6.18 -22.31 -10.65
C SER B 372 6.58 -22.41 -9.20
N PHE B 373 7.57 -21.61 -8.79
CA PHE B 373 8.05 -21.70 -7.43
C PHE B 373 6.95 -21.35 -6.44
N ILE B 374 6.12 -20.36 -6.78
CA ILE B 374 5.05 -19.98 -5.86
C ILE B 374 3.85 -20.91 -5.99
N MET B 375 3.51 -21.30 -7.22
CA MET B 375 2.34 -22.16 -7.37
C MET B 375 2.56 -23.51 -6.67
N SER B 376 3.79 -24.05 -6.76
CA SER B 376 4.12 -25.30 -6.10
C SER B 376 3.86 -25.25 -4.59
N GLN B 377 4.19 -24.13 -3.94
CA GLN B 377 3.92 -24.05 -2.51
C GLN B 377 2.42 -23.90 -2.22
N VAL B 378 1.69 -23.19 -3.09
CA VAL B 378 0.25 -22.97 -2.88
C VAL B 378 -0.52 -24.29 -2.96
N ILE B 379 -0.27 -25.09 -4.02
CA ILE B 379 -1.04 -26.34 -4.24
C ILE B 379 -0.44 -27.57 -3.58
N GLY B 380 0.76 -27.48 -3.02
CA GLY B 380 1.32 -28.58 -2.26
C GLY B 380 2.09 -29.62 -3.05
N GLN B 381 2.42 -29.35 -4.31
CA GLN B 381 3.23 -30.29 -5.05
C GLN B 381 3.95 -29.53 -6.17
N GLU B 382 5.04 -30.14 -6.65
CA GLU B 382 5.81 -29.54 -7.73
C GLU B 382 5.00 -29.50 -8.99
N VAL B 383 4.85 -28.30 -9.54
CA VAL B 383 4.25 -28.06 -10.83
C VAL B 383 5.25 -27.16 -11.56
N THR B 384 5.15 -27.13 -12.89
CA THR B 384 5.90 -26.20 -13.72
C THR B 384 4.96 -25.58 -14.76
N ILE B 385 4.87 -24.26 -14.75
CA ILE B 385 4.20 -23.48 -15.79
C ILE B 385 5.29 -22.93 -16.68
N GLY B 386 5.08 -22.95 -17.98
CA GLY B 386 6.10 -22.50 -18.88
C GLY B 386 5.83 -21.07 -19.36
N LYS B 387 6.88 -20.45 -19.85
CA LYS B 387 6.75 -19.14 -20.48
C LYS B 387 6.13 -19.32 -21.86
N LEU B 388 5.25 -18.40 -22.25
CA LEU B 388 4.67 -18.46 -23.58
C LEU B 388 5.63 -17.91 -24.63
N ASP B 389 6.47 -16.96 -24.25
CA ASP B 389 7.59 -16.51 -25.07
C ASP B 389 8.76 -16.40 -24.11
N PRO B 390 9.63 -17.42 -24.06
CA PRO B 390 10.74 -17.43 -23.10
C PRO B 390 11.78 -16.34 -23.32
N THR B 391 11.67 -15.53 -24.38
CA THR B 391 12.65 -14.47 -24.63
C THR B 391 12.12 -13.09 -24.30
N LEU B 392 10.86 -12.99 -23.84
CA LEU B 392 10.26 -11.71 -23.50
C LEU B 392 11.17 -10.87 -22.64
N TRP B 393 11.87 -11.49 -21.67
CA TRP B 393 12.70 -10.75 -20.73
C TRP B 393 13.75 -9.90 -21.45
N GLU B 394 14.18 -10.30 -22.64
CA GLU B 394 15.20 -9.53 -23.35
C GLU B 394 14.66 -8.15 -23.73
N ASP B 395 13.39 -8.09 -24.13
CA ASP B 395 12.79 -6.83 -24.51
C ASP B 395 12.42 -6.02 -23.28
N VAL B 396 12.14 -6.71 -22.18
CA VAL B 396 11.77 -6.05 -20.92
C VAL B 396 12.87 -5.13 -20.43
N LEU B 397 14.15 -5.54 -20.62
CA LEU B 397 15.27 -4.73 -20.12
C LEU B 397 15.27 -3.31 -20.67
N GLU B 398 14.77 -3.12 -21.89
CA GLU B 398 14.86 -1.87 -22.61
C GLU B 398 13.54 -1.11 -22.67
N THR B 399 12.47 -1.62 -22.07
CA THR B 399 11.15 -1.01 -22.20
C THR B 399 11.12 0.41 -21.62
N GLU B 400 10.20 1.22 -22.14
CA GLU B 400 10.25 2.66 -21.99
C GLU B 400 9.38 3.21 -20.86
N TYR B 401 8.12 2.74 -20.73
CA TYR B 401 7.14 3.33 -19.83
C TYR B 401 6.66 2.38 -18.72
N ALA B 402 7.44 1.37 -18.35
CA ALA B 402 7.03 0.48 -17.26
C ALA B 402 6.62 1.30 -16.04
N LEU B 403 7.47 2.24 -15.65
CA LEU B 403 7.10 3.32 -14.77
C LEU B 403 6.90 4.53 -15.68
N SER B 404 5.81 5.26 -15.45
CA SER B 404 5.51 6.45 -16.21
C SER B 404 5.11 7.56 -15.25
#